data_7V3D
#
_entry.id   7V3D
#
_cell.length_a   119.470
_cell.length_b   119.470
_cell.length_c   163.280
_cell.angle_alpha   90.000
_cell.angle_beta   90.000
_cell.angle_gamma   90.000
#
_symmetry.space_group_name_H-M   'P 41 21 2'
#
loop_
_entity.id
_entity.type
_entity.pdbx_description
1 polymer 'Serine hydroxymethyltransferase'
2 non-polymer (4R)-6-azanyl-4-[3-(hydroxymethyl)-5-phenyl-phenyl]-3-methyl-4-propan-2-yl-1H-pyrano[2,3-c]pyrazole-5-carbonitrile
3 non-polymer "PYRIDOXAL-5'-PHOSPHATE"
4 non-polymer 'CHLORIDE ION'
5 water water
#
_entity_poly.entity_id   1
_entity_poly.type   'polypeptide(L)'
_entity_poly.pdbx_seq_one_letter_code
;GPGVVDYKTFDPDLWAAIAKEEERQEHNLELIASENFVSEAVMAAQGSILTNKYAEGYPGHRYYGGCEFVDIVENLAIDR
AKELFGAKFANVQPHSGSQANTAAYLALVEPGDTILGMDLSAGGHLTHGSPVNFSGKTYHFVAYGVDPTTEVIDYNVVRI
LARKHQPKLIVAGASAYGRTIDFAKFREIADEVGAKLMVDMAHIAGLVAAGLHPNPVPYADITTTTTHKTLRGPRGGMIL
TNDEALAKKINSAVFPGIQGGPLEHVIAGKAVAFKEALDPAFKEYSEQIIANAKAMVKVFNQAIGTRVISGATDNHLMLI
DVRELGINGKEAESILDSVNITVNKNSIPFETLSPFKTSGIRIGTPAITTRGFKEEDAVKVAELVVKALQAKDDNAQLDE
VKTGVRELTEKFPLHKK
;
_entity_poly.pdbx_strand_id   A,B
#
# COMPACT_ATOMS: atom_id res chain seq x y z
N ASP A 6 26.53 -5.50 8.26
CA ASP A 6 27.56 -5.28 7.23
C ASP A 6 27.03 -4.45 6.05
N TYR A 7 25.85 -4.81 5.53
CA TYR A 7 25.12 -3.87 4.66
C TYR A 7 24.73 -2.60 5.41
N LYS A 8 24.67 -2.68 6.74
CA LYS A 8 24.39 -1.50 7.55
C LYS A 8 25.53 -0.50 7.53
N THR A 9 26.74 -0.95 7.22
CA THR A 9 27.88 -0.04 7.17
C THR A 9 27.67 1.05 6.12
N PHE A 10 27.02 0.70 5.00
CA PHE A 10 26.82 1.66 3.92
C PHE A 10 25.88 2.80 4.31
N ASP A 11 24.88 2.52 5.13
CA ASP A 11 23.85 3.50 5.51
C ASP A 11 23.74 3.51 7.03
N PRO A 12 24.70 4.12 7.72
CA PRO A 12 24.68 4.03 9.20
C PRO A 12 23.55 4.82 9.84
N ASP A 13 23.12 5.93 9.23
CA ASP A 13 22.06 6.74 9.81
C ASP A 13 20.71 6.01 9.80
N LEU A 14 20.41 5.30 8.72
CA LEU A 14 19.15 4.56 8.61
C LEU A 14 19.10 3.45 9.65
N TRP A 15 20.14 2.62 9.70
CA TRP A 15 20.11 1.47 10.60
C TRP A 15 20.25 1.88 12.05
N ALA A 16 20.80 3.06 12.32
CA ALA A 16 20.85 3.55 13.70
C ALA A 16 19.45 3.91 14.18
N ALA A 17 18.67 4.58 13.33
CA ALA A 17 17.29 4.91 13.68
C ALA A 17 16.48 3.64 13.90
N ILE A 18 16.64 2.65 13.02
CA ILE A 18 15.91 1.41 13.20
C ILE A 18 16.30 0.74 14.52
N ALA A 19 17.60 0.75 14.86
CA ALA A 19 18.04 0.17 16.12
C ALA A 19 17.41 0.87 17.32
N LYS A 20 17.39 2.21 17.30
CA LYS A 20 16.77 2.95 18.39
C LYS A 20 15.27 2.71 18.45
N GLU A 21 14.66 2.33 17.32
CA GLU A 21 13.23 2.06 17.35
C GLU A 21 12.93 0.71 17.99
N GLU A 22 13.77 -0.31 17.73
CA GLU A 22 13.60 -1.56 18.46
C GLU A 22 13.82 -1.36 19.94
N GLU A 23 14.72 -0.45 20.30
CA GLU A 23 14.91 -0.14 21.71
C GLU A 23 13.66 0.53 22.28
N ARG A 24 13.00 1.38 21.48
CA ARG A 24 11.83 2.08 21.96
C ARG A 24 10.67 1.13 22.22
N GLN A 25 10.45 0.19 21.29
CA GLN A 25 9.36 -0.76 21.46
C GLN A 25 9.63 -1.66 22.65
N GLU A 26 10.90 -1.92 22.96
CA GLU A 26 11.25 -2.74 24.11
C GLU A 26 10.90 -2.06 25.42
N HIS A 27 11.23 -0.77 25.54
CA HIS A 27 11.18 -0.07 26.82
C HIS A 27 9.87 0.70 27.05
N ASN A 28 8.95 0.73 26.09
CA ASN A 28 7.69 1.44 26.29
C ASN A 28 6.53 0.44 26.34
N LEU A 29 5.46 0.87 26.98
CA LEU A 29 4.21 0.13 27.01
C LEU A 29 3.33 0.68 25.89
N GLU A 30 3.07 -0.15 24.89
CA GLU A 30 2.25 0.25 23.75
C GLU A 30 0.81 -0.04 24.12
N LEU A 31 0.06 1.01 24.43
CA LEU A 31 -1.36 0.90 24.68
C LEU A 31 -2.19 1.45 23.54
N ILE A 32 -1.56 1.89 22.45
CA ILE A 32 -2.33 2.29 21.28
C ILE A 32 -3.13 1.09 20.78
N ALA A 33 -4.46 1.23 20.77
CA ALA A 33 -5.38 0.11 20.56
C ALA A 33 -5.22 -0.56 19.20
N SER A 34 -4.73 0.16 18.20
CA SER A 34 -4.58 -0.36 16.84
C SER A 34 -3.23 -1.01 16.57
N GLU A 35 -2.35 -1.11 17.57
CA GLU A 35 -1.01 -1.64 17.35
C GLU A 35 -0.91 -3.07 17.87
N ASN A 36 0.17 -3.74 17.46
CA ASN A 36 0.43 -5.13 17.84
C ASN A 36 1.89 -5.43 17.50
N PHE A 37 2.30 -6.67 17.74
CA PHE A 37 3.64 -7.14 17.38
C PHE A 37 3.47 -8.39 16.51
N VAL A 38 3.78 -8.24 15.21
CA VAL A 38 3.70 -9.37 14.33
C VAL A 38 4.81 -10.36 14.66
N SER A 39 4.64 -11.57 14.19
CA SER A 39 5.57 -12.63 14.51
C SER A 39 6.82 -12.50 13.66
N GLU A 40 7.86 -13.23 14.08
CA GLU A 40 9.08 -13.28 13.31
C GLU A 40 8.82 -13.78 11.90
N ALA A 41 7.86 -14.71 11.74
CA ALA A 41 7.54 -15.27 10.44
C ALA A 41 6.88 -14.25 9.53
N VAL A 42 6.06 -13.37 10.10
CA VAL A 42 5.42 -12.33 9.29
C VAL A 42 6.47 -11.35 8.79
N MET A 43 7.35 -10.91 9.68
CA MET A 43 8.41 -10.00 9.27
C MET A 43 9.34 -10.66 8.25
N ALA A 44 9.56 -11.96 8.38
CA ALA A 44 10.40 -12.66 7.39
C ALA A 44 9.74 -12.64 6.02
N ALA A 45 8.42 -12.82 5.96
CA ALA A 45 7.73 -12.79 4.69
C ALA A 45 7.81 -11.41 4.07
N GLN A 46 7.65 -10.37 4.88
CA GLN A 46 7.74 -9.02 4.35
C GLN A 46 9.17 -8.70 3.89
N GLY A 47 10.16 -9.37 4.47
CA GLY A 47 11.54 -9.16 4.10
C GLY A 47 12.03 -10.09 2.99
N SER A 48 11.10 -10.75 2.31
CA SER A 48 11.43 -11.77 1.32
C SER A 48 11.60 -11.15 -0.07
N ILE A 49 12.04 -11.98 -1.02
CA ILE A 49 12.26 -11.55 -2.41
C ILE A 49 10.97 -11.34 -3.16
N LEU A 50 9.82 -11.61 -2.54
CA LEU A 50 8.55 -11.41 -3.21
C LEU A 50 8.31 -9.95 -3.52
N THR A 51 9.03 -9.04 -2.85
CA THR A 51 8.93 -7.64 -3.25
C THR A 51 9.35 -7.42 -4.70
N ASN A 52 10.14 -8.32 -5.29
CA ASN A 52 10.57 -8.12 -6.67
C ASN A 52 9.52 -8.47 -7.70
N LYS A 53 8.46 -9.17 -7.33
CA LYS A 53 7.56 -9.71 -8.33
C LYS A 53 6.41 -8.75 -8.60
N TYR A 54 6.28 -8.31 -9.84
CA TYR A 54 5.04 -7.72 -10.30
C TYR A 54 4.04 -8.86 -10.44
N ALA A 55 2.79 -8.60 -10.07
CA ALA A 55 1.77 -9.61 -10.23
C ALA A 55 0.40 -8.98 -10.41
N GLU A 56 0.33 -7.90 -11.19
CA GLU A 56 -0.98 -7.32 -11.51
C GLU A 56 -1.94 -8.38 -12.03
N GLY A 57 -3.21 -8.27 -11.64
CA GLY A 57 -4.18 -9.32 -11.88
C GLY A 57 -4.41 -10.15 -10.62
N TYR A 58 -5.00 -11.32 -10.82
CA TYR A 58 -5.36 -12.25 -9.75
C TYR A 58 -4.82 -13.64 -10.08
N PRO A 59 -4.64 -14.50 -9.07
CA PRO A 59 -4.06 -15.83 -9.32
C PRO A 59 -4.74 -16.52 -10.49
N GLY A 60 -3.94 -17.13 -11.35
CA GLY A 60 -4.45 -17.74 -12.56
C GLY A 60 -4.88 -16.76 -13.64
N HIS A 61 -4.83 -15.46 -13.37
CA HIS A 61 -5.26 -14.45 -14.34
C HIS A 61 -4.38 -13.22 -14.20
N ARG A 62 -3.07 -13.42 -14.26
CA ARG A 62 -2.12 -12.34 -14.13
C ARG A 62 -1.85 -11.73 -15.50
N TYR A 63 -1.23 -10.56 -15.46
CA TYR A 63 -0.95 -9.80 -16.67
C TYR A 63 0.48 -10.00 -17.20
N TYR A 64 1.26 -10.88 -16.58
CA TYR A 64 2.50 -11.33 -17.20
C TYR A 64 2.90 -12.68 -16.61
N GLY A 65 4.14 -13.08 -16.88
CA GLY A 65 4.56 -14.43 -16.57
C GLY A 65 5.23 -14.52 -15.22
N GLY A 66 5.55 -15.75 -14.85
CA GLY A 66 6.36 -15.97 -13.68
C GLY A 66 5.60 -15.97 -12.38
N CYS A 67 4.26 -16.01 -12.41
CA CYS A 67 3.49 -15.91 -11.19
C CYS A 67 3.02 -17.24 -10.67
N GLU A 68 3.52 -18.35 -11.23
CA GLU A 68 3.02 -19.67 -10.88
C GLU A 68 3.19 -19.97 -9.39
N PHE A 69 4.25 -19.46 -8.76
CA PHE A 69 4.45 -19.72 -7.33
C PHE A 69 3.97 -18.57 -6.45
N VAL A 70 4.02 -17.34 -6.95
CA VAL A 70 3.37 -16.26 -6.24
C VAL A 70 1.88 -16.54 -6.10
N ASP A 71 1.28 -17.21 -7.09
CA ASP A 71 -0.13 -17.54 -7.00
C ASP A 71 -0.41 -18.48 -5.85
N ILE A 72 0.55 -19.35 -5.50
CA ILE A 72 0.36 -20.20 -4.33
C ILE A 72 0.23 -19.32 -3.09
N VAL A 73 1.12 -18.33 -2.95
CA VAL A 73 1.11 -17.48 -1.78
C VAL A 73 -0.23 -16.74 -1.66
N GLU A 74 -0.66 -16.10 -2.76
CA GLU A 74 -1.89 -15.34 -2.70
C GLU A 74 -3.12 -16.22 -2.51
N ASN A 75 -3.12 -17.44 -3.08
CA ASN A 75 -4.20 -18.38 -2.85
C ASN A 75 -4.30 -18.77 -1.37
N LEU A 76 -3.17 -19.05 -0.74
CA LEU A 76 -3.18 -19.38 0.68
C LEU A 76 -3.79 -18.23 1.48
N ALA A 77 -3.41 -16.99 1.16
CA ALA A 77 -4.00 -15.85 1.85
C ALA A 77 -5.50 -15.75 1.57
N ILE A 78 -5.91 -15.94 0.33
CA ILE A 78 -7.33 -15.92 0.01
C ILE A 78 -8.05 -17.05 0.76
N ASP A 79 -7.50 -18.25 0.71
CA ASP A 79 -8.25 -19.39 1.20
C ASP A 79 -8.29 -19.43 2.73
N ARG A 80 -7.23 -18.95 3.39
CA ARG A 80 -7.26 -18.86 4.84
C ARG A 80 -8.22 -17.78 5.32
N ALA A 81 -8.44 -16.74 4.53
CA ALA A 81 -9.41 -15.75 4.94
C ALA A 81 -10.81 -16.32 4.90
N LYS A 82 -11.12 -17.10 3.85
CA LYS A 82 -12.42 -17.75 3.78
C LYS A 82 -12.58 -18.74 4.93
N GLU A 83 -11.52 -19.46 5.25
CA GLU A 83 -11.58 -20.39 6.39
C GLU A 83 -11.73 -19.65 7.70
N LEU A 84 -11.03 -18.54 7.89
CA LEU A 84 -11.11 -17.85 9.17
C LEU A 84 -12.48 -17.20 9.38
N PHE A 85 -13.05 -16.60 8.33
CA PHE A 85 -14.24 -15.77 8.47
C PHE A 85 -15.50 -16.33 7.83
N GLY A 86 -15.42 -17.47 7.13
CA GLY A 86 -16.57 -18.07 6.51
C GLY A 86 -17.10 -17.38 5.26
N ALA A 87 -16.40 -16.38 4.74
CA ALA A 87 -16.82 -15.74 3.50
C ALA A 87 -16.57 -16.64 2.29
N LYS A 88 -17.45 -16.53 1.29
CA LYS A 88 -17.23 -17.27 0.05
C LYS A 88 -16.17 -16.63 -0.84
N PHE A 89 -15.90 -15.35 -0.65
CA PHE A 89 -14.98 -14.62 -1.53
C PHE A 89 -14.12 -13.69 -0.68
N ALA A 90 -12.83 -13.68 -0.95
CA ALA A 90 -11.91 -12.80 -0.26
C ALA A 90 -10.97 -12.16 -1.26
N ASN A 91 -10.66 -10.89 -1.02
CA ASN A 91 -9.67 -10.17 -1.80
C ASN A 91 -8.60 -9.67 -0.84
N VAL A 92 -7.34 -10.01 -1.10
CA VAL A 92 -6.26 -9.76 -0.15
C VAL A 92 -5.25 -8.75 -0.70
N GLN A 93 -5.55 -8.13 -1.84
CA GLN A 93 -4.65 -7.15 -2.44
C GLN A 93 -4.73 -5.72 -1.86
N PRO A 94 -5.78 -5.30 -1.16
CA PRO A 94 -5.79 -3.91 -0.67
C PRO A 94 -4.53 -3.57 0.09
N HIS A 95 -3.90 -2.44 -0.28
CA HIS A 95 -2.67 -2.02 0.39
C HIS A 95 -2.88 -1.59 1.83
N SER A 96 -4.12 -1.32 2.22
CA SER A 96 -4.41 -0.80 3.55
C SER A 96 -5.89 -0.95 3.82
N GLY A 97 -6.28 -0.69 5.07
CA GLY A 97 -7.69 -0.63 5.40
C GLY A 97 -8.42 0.47 4.65
N SER A 98 -7.74 1.61 4.45
CA SER A 98 -8.33 2.71 3.67
C SER A 98 -8.61 2.30 2.23
N GLN A 99 -7.66 1.62 1.58
CA GLN A 99 -7.88 1.20 0.21
C GLN A 99 -8.97 0.15 0.14
N ALA A 100 -8.98 -0.79 1.10
CA ALA A 100 -10.06 -1.76 1.14
C ALA A 100 -11.41 -1.05 1.20
N ASN A 101 -11.52 -0.04 2.06
CA ASN A 101 -12.78 0.71 2.14
C ASN A 101 -13.04 1.47 0.85
N THR A 102 -12.00 2.01 0.23
CA THR A 102 -12.20 2.75 -1.03
C THR A 102 -12.86 1.86 -2.06
N ALA A 103 -12.32 0.65 -2.24
CA ALA A 103 -12.85 -0.27 -3.22
C ALA A 103 -14.22 -0.82 -2.80
N ALA A 104 -14.47 -0.98 -1.50
CA ALA A 104 -15.77 -1.52 -1.11
C ALA A 104 -16.87 -0.50 -1.42
N TYR A 105 -16.61 0.79 -1.19
CA TYR A 105 -17.56 1.81 -1.61
C TYR A 105 -17.79 1.76 -3.11
N LEU A 106 -16.71 1.64 -3.88
CA LEU A 106 -16.84 1.64 -5.34
C LEU A 106 -17.73 0.50 -5.81
N ALA A 107 -17.74 -0.62 -5.10
CA ALA A 107 -18.59 -1.74 -5.46
C ALA A 107 -20.03 -1.59 -4.99
N LEU A 108 -20.35 -0.64 -4.10
CA LEU A 108 -21.69 -0.56 -3.52
C LEU A 108 -22.47 0.68 -3.90
N VAL A 109 -21.81 1.82 -4.11
CA VAL A 109 -22.50 3.08 -4.30
C VAL A 109 -21.81 3.89 -5.39
N GLU A 110 -22.49 4.94 -5.85
CA GLU A 110 -22.00 5.90 -6.81
C GLU A 110 -21.61 7.18 -6.12
N PRO A 111 -20.72 7.98 -6.72
CA PRO A 111 -20.36 9.27 -6.09
C PRO A 111 -21.60 10.10 -5.80
N GLY A 112 -21.66 10.66 -4.59
CA GLY A 112 -22.78 11.48 -4.19
C GLY A 112 -23.88 10.75 -3.43
N ASP A 113 -23.93 9.42 -3.51
CA ASP A 113 -24.96 8.64 -2.82
C ASP A 113 -24.93 8.90 -1.32
N THR A 114 -26.12 8.83 -0.72
CA THR A 114 -26.24 9.03 0.72
C THR A 114 -25.78 7.77 1.45
N ILE A 115 -24.87 7.96 2.38
CA ILE A 115 -24.35 6.86 3.18
C ILE A 115 -24.47 7.22 4.64
N LEU A 116 -24.90 6.24 5.43
CA LEU A 116 -25.04 6.39 6.86
C LEU A 116 -23.85 5.71 7.53
N GLY A 117 -23.06 6.48 8.27
CA GLY A 117 -21.89 5.92 8.91
C GLY A 117 -21.63 6.57 10.27
N MET A 118 -20.88 5.85 11.09
CA MET A 118 -20.71 6.26 12.47
C MET A 118 -19.88 7.53 12.57
N ASP A 119 -20.42 8.50 13.28
CA ASP A 119 -19.72 9.74 13.62
C ASP A 119 -18.33 9.44 14.19
N LEU A 120 -17.36 10.31 13.87
CA LEU A 120 -15.99 10.06 14.28
C LEU A 120 -15.81 10.26 15.79
N SER A 121 -16.33 11.37 16.32
CA SER A 121 -16.35 11.58 17.78
C SER A 121 -17.03 10.41 18.50
N ALA A 122 -18.05 9.82 17.89
CA ALA A 122 -18.74 8.69 18.50
C ALA A 122 -17.92 7.41 18.42
N GLY A 123 -16.86 7.39 17.60
CA GLY A 123 -15.97 6.25 17.55
C GLY A 123 -15.74 5.70 16.15
N GLY A 124 -16.24 6.39 15.12
CA GLY A 124 -16.04 5.96 13.77
C GLY A 124 -14.64 6.26 13.24
N HIS A 125 -14.31 5.60 12.14
CA HIS A 125 -13.06 5.87 11.45
C HIS A 125 -13.22 7.06 10.49
N LEU A 126 -12.07 7.63 10.12
CA LEU A 126 -12.05 8.72 9.13
C LEU A 126 -12.67 8.28 7.81
N THR A 127 -12.49 7.03 7.44
CA THR A 127 -13.03 6.58 6.17
C THR A 127 -14.51 6.27 6.24
N HIS A 128 -15.16 6.55 7.37
CA HIS A 128 -16.61 6.38 7.50
C HIS A 128 -17.34 7.70 7.36
N GLY A 129 -16.78 8.67 6.65
CA GLY A 129 -17.53 9.87 6.34
C GLY A 129 -16.87 11.20 6.61
N SER A 130 -15.65 11.23 7.15
CA SER A 130 -15.04 12.51 7.47
C SER A 130 -14.90 13.36 6.21
N PRO A 131 -15.12 14.68 6.31
CA PRO A 131 -15.00 15.55 5.12
C PRO A 131 -13.58 15.82 4.68
N VAL A 132 -12.58 15.45 5.47
CA VAL A 132 -11.18 15.55 5.05
C VAL A 132 -10.71 14.27 4.38
N ASN A 133 -11.58 13.28 4.27
CA ASN A 133 -11.26 11.97 3.74
C ASN A 133 -11.98 11.77 2.40
N PHE A 134 -11.47 10.84 1.59
CA PHE A 134 -12.16 10.54 0.34
C PHE A 134 -13.61 10.21 0.58
N SER A 135 -13.94 9.65 1.75
CA SER A 135 -15.30 9.17 1.96
C SER A 135 -16.28 10.34 2.06
N GLY A 136 -15.99 11.31 2.92
CA GLY A 136 -16.84 12.48 2.99
C GLY A 136 -16.83 13.33 1.73
N LYS A 137 -15.70 13.36 1.02
CA LYS A 137 -15.59 14.18 -0.19
C LYS A 137 -16.37 13.58 -1.35
N THR A 138 -16.45 12.25 -1.41
CA THR A 138 -16.97 11.55 -2.58
C THR A 138 -18.43 11.19 -2.45
N TYR A 139 -18.88 10.92 -1.23
CA TYR A 139 -20.22 10.48 -0.96
C TYR A 139 -20.87 11.41 0.06
N HIS A 140 -22.19 11.31 0.15
CA HIS A 140 -22.95 12.17 1.04
C HIS A 140 -23.18 11.38 2.32
N PHE A 141 -22.43 11.71 3.36
CA PHE A 141 -22.44 10.91 4.58
C PHE A 141 -23.37 11.55 5.61
N VAL A 142 -24.23 10.74 6.20
CA VAL A 142 -25.01 11.11 7.37
C VAL A 142 -24.46 10.32 8.55
N ALA A 143 -24.21 10.99 9.66
CA ALA A 143 -23.59 10.35 10.81
C ALA A 143 -24.65 9.84 11.78
N TYR A 144 -24.39 8.68 12.36
CA TYR A 144 -25.09 8.26 13.57
C TYR A 144 -24.07 8.18 14.68
N GLY A 145 -24.56 8.24 15.92
CA GLY A 145 -23.65 8.37 17.03
C GLY A 145 -24.01 7.40 18.13
N VAL A 146 -23.63 7.71 19.36
CA VAL A 146 -24.02 6.93 20.51
C VAL A 146 -24.94 7.77 21.38
N ASP A 147 -25.67 7.09 22.25
CA ASP A 147 -26.56 7.80 23.16
C ASP A 147 -25.73 8.61 24.15
N PRO A 148 -26.13 9.84 24.48
CA PRO A 148 -25.28 10.66 25.36
C PRO A 148 -25.19 10.15 26.78
N THR A 149 -26.23 9.48 27.29
CA THR A 149 -26.15 8.98 28.65
C THR A 149 -25.46 7.62 28.71
N THR A 150 -25.87 6.67 27.86
CA THR A 150 -25.31 5.32 27.91
C THR A 150 -24.02 5.17 27.11
N GLU A 151 -23.80 6.08 26.15
CA GLU A 151 -22.65 6.05 25.24
C GLU A 151 -22.54 4.73 24.49
N VAL A 152 -23.67 4.07 24.23
CA VAL A 152 -23.74 2.94 23.31
C VAL A 152 -24.64 3.33 22.14
N ILE A 153 -24.52 2.55 21.05
CA ILE A 153 -25.34 2.80 19.88
C ILE A 153 -26.82 2.59 20.24
N ASP A 154 -27.66 3.55 19.85
CA ASP A 154 -29.10 3.47 20.00
C ASP A 154 -29.68 3.07 18.66
N TYR A 155 -30.02 1.80 18.53
CA TYR A 155 -30.44 1.28 17.23
C TYR A 155 -31.77 1.89 16.78
N ASN A 156 -32.62 2.28 17.72
CA ASN A 156 -33.84 2.95 17.28
C ASN A 156 -33.52 4.32 16.69
N VAL A 157 -32.49 5.01 17.19
CA VAL A 157 -32.12 6.31 16.62
C VAL A 157 -31.48 6.12 15.24
N VAL A 158 -30.59 5.13 15.10
CA VAL A 158 -30.06 4.79 13.78
C VAL A 158 -31.20 4.50 12.82
N ARG A 159 -32.24 3.83 13.30
CA ARG A 159 -33.41 3.53 12.46
C ARG A 159 -34.16 4.80 12.07
N ILE A 160 -34.38 5.72 13.01
CA ILE A 160 -34.97 7.02 12.66
C ILE A 160 -34.15 7.66 11.55
N LEU A 161 -32.82 7.74 11.74
CA LEU A 161 -31.94 8.35 10.75
C LEU A 161 -32.06 7.69 9.38
N ALA A 162 -32.06 6.35 9.35
CA ALA A 162 -32.11 5.67 8.07
C ALA A 162 -33.40 5.97 7.32
N ARG A 163 -34.53 6.04 8.02
CA ARG A 163 -35.81 6.29 7.34
C ARG A 163 -35.91 7.73 6.91
N LYS A 164 -35.40 8.64 7.71
CA LYS A 164 -35.36 10.05 7.30
C LYS A 164 -34.52 10.23 6.04
N HIS A 165 -33.35 9.62 5.99
CA HIS A 165 -32.37 9.96 4.99
C HIS A 165 -32.35 9.04 3.77
N GLN A 166 -32.96 7.86 3.84
CA GLN A 166 -32.98 6.91 2.75
C GLN A 166 -31.57 6.70 2.18
N PRO A 167 -30.63 6.19 2.97
CA PRO A 167 -29.28 5.96 2.44
C PRO A 167 -29.26 4.77 1.49
N LYS A 168 -28.35 4.84 0.51
CA LYS A 168 -28.08 3.64 -0.29
C LYS A 168 -27.28 2.63 0.51
N LEU A 169 -26.50 3.10 1.48
CA LEU A 169 -25.55 2.26 2.18
C LEU A 169 -25.52 2.63 3.66
N ILE A 170 -25.45 1.62 4.51
CA ILE A 170 -25.20 1.83 5.93
C ILE A 170 -23.87 1.17 6.26
N VAL A 171 -23.01 1.89 6.97
CA VAL A 171 -21.71 1.39 7.38
C VAL A 171 -21.72 1.21 8.89
N ALA A 172 -21.31 0.02 9.33
CA ALA A 172 -21.09 -0.26 10.72
C ALA A 172 -19.61 -0.58 10.92
N GLY A 173 -19.16 -0.49 12.18
CA GLY A 173 -17.76 -0.66 12.49
C GLY A 173 -17.17 0.63 13.01
N ALA A 174 -16.10 0.53 13.79
CA ALA A 174 -15.62 1.67 14.53
C ALA A 174 -14.14 1.51 14.83
N SER A 175 -13.49 2.64 15.13
CA SER A 175 -12.13 2.65 15.63
C SER A 175 -12.01 2.91 17.11
N ALA A 176 -13.04 3.45 17.76
CA ALA A 176 -12.95 3.80 19.16
C ALA A 176 -14.25 3.47 19.89
N TYR A 177 -14.86 2.33 19.53
CA TYR A 177 -16.10 1.88 20.16
C TYR A 177 -15.83 0.54 20.83
N GLY A 178 -16.05 0.49 22.14
CA GLY A 178 -15.67 -0.65 22.96
C GLY A 178 -16.76 -1.66 23.25
N ARG A 179 -17.94 -1.51 22.67
CA ARG A 179 -19.04 -2.39 22.97
C ARG A 179 -19.40 -3.21 21.74
N THR A 180 -20.10 -4.31 21.98
CA THR A 180 -20.54 -5.18 20.91
C THR A 180 -21.41 -4.41 19.92
N ILE A 181 -21.06 -4.51 18.65
CA ILE A 181 -21.90 -3.96 17.58
C ILE A 181 -22.89 -5.04 17.18
N ASP A 182 -24.18 -4.70 17.23
CA ASP A 182 -25.25 -5.63 16.87
C ASP A 182 -25.44 -5.59 15.36
N PHE A 183 -24.74 -6.48 14.66
CA PHE A 183 -24.82 -6.47 13.20
C PHE A 183 -26.21 -6.86 12.71
N ALA A 184 -26.88 -7.75 13.42
CA ALA A 184 -28.20 -8.19 12.97
C ALA A 184 -29.20 -7.03 12.96
N LYS A 185 -29.10 -6.13 13.96
CA LYS A 185 -29.99 -4.96 13.97
C LYS A 185 -29.65 -3.99 12.83
N PHE A 186 -28.37 -3.82 12.53
CA PHE A 186 -28.01 -3.01 11.37
C PHE A 186 -28.59 -3.58 10.09
N ARG A 187 -28.61 -4.92 9.99
CA ARG A 187 -29.14 -5.55 8.79
C ARG A 187 -30.64 -5.31 8.67
N GLU A 188 -31.36 -5.47 9.79
CA GLU A 188 -32.81 -5.21 9.76
C GLU A 188 -33.09 -3.78 9.35
N ILE A 189 -32.36 -2.83 9.94
CA ILE A 189 -32.56 -1.44 9.58
C ILE A 189 -32.28 -1.23 8.10
N ALA A 190 -31.16 -1.78 7.62
CA ALA A 190 -30.79 -1.63 6.21
C ALA A 190 -31.87 -2.19 5.31
N ASP A 191 -32.29 -3.42 5.58
CA ASP A 191 -33.38 -4.03 4.82
C ASP A 191 -34.61 -3.13 4.80
N GLU A 192 -34.95 -2.54 5.94
CA GLU A 192 -36.21 -1.85 6.04
C GLU A 192 -36.24 -0.61 5.15
N VAL A 193 -35.10 0.07 4.98
CA VAL A 193 -35.06 1.22 4.08
C VAL A 193 -34.51 0.87 2.71
N GLY A 194 -34.22 -0.40 2.44
CA GLY A 194 -33.66 -0.76 1.15
C GLY A 194 -32.22 -0.33 0.94
N ALA A 195 -31.41 -0.30 1.98
CA ALA A 195 -30.00 0.04 1.81
C ALA A 195 -29.16 -1.23 1.89
N LYS A 196 -27.92 -1.13 1.42
CA LYS A 196 -26.98 -2.20 1.59
C LYS A 196 -26.24 -2.01 2.92
N LEU A 197 -25.60 -3.07 3.38
CA LEU A 197 -24.88 -3.03 4.64
C LEU A 197 -23.41 -3.36 4.41
N MET A 198 -22.53 -2.43 4.81
CA MET A 198 -21.10 -2.65 4.76
C MET A 198 -20.57 -2.59 6.19
N VAL A 199 -19.76 -3.58 6.57
CA VAL A 199 -19.16 -3.61 7.89
C VAL A 199 -17.64 -3.49 7.77
N ASP A 200 -17.06 -2.63 8.58
CA ASP A 200 -15.62 -2.42 8.65
C ASP A 200 -15.19 -2.97 9.99
N MET A 201 -14.65 -4.19 9.99
CA MET A 201 -14.30 -4.88 11.23
C MET A 201 -12.81 -4.79 11.56
N ALA A 202 -12.10 -3.82 10.98
CA ALA A 202 -10.66 -3.71 11.15
C ALA A 202 -10.22 -3.92 12.59
N HIS A 203 -10.87 -3.23 13.53
CA HIS A 203 -10.37 -3.30 14.90
C HIS A 203 -10.63 -4.66 15.53
N ILE A 204 -11.74 -5.31 15.18
CA ILE A 204 -12.20 -6.51 15.87
C ILE A 204 -11.99 -7.79 15.06
N ALA A 205 -11.35 -7.72 13.89
CA ALA A 205 -11.24 -8.89 13.03
C ALA A 205 -10.67 -10.11 13.76
N GLY A 206 -9.64 -9.90 14.59
CA GLY A 206 -9.09 -11.01 15.36
C GLY A 206 -10.05 -11.58 16.39
N LEU A 207 -10.82 -10.71 17.06
CA LEU A 207 -11.85 -11.20 17.97
C LEU A 207 -12.93 -11.95 17.21
N VAL A 208 -13.31 -11.46 16.03
CA VAL A 208 -14.23 -12.21 15.18
C VAL A 208 -13.65 -13.57 14.81
N ALA A 209 -12.39 -13.59 14.36
CA ALA A 209 -11.79 -14.86 13.97
C ALA A 209 -11.77 -15.85 15.13
N ALA A 210 -11.56 -15.35 16.35
CA ALA A 210 -11.55 -16.19 17.53
C ALA A 210 -12.95 -16.54 18.05
N GLY A 211 -14.00 -16.06 17.41
CA GLY A 211 -15.35 -16.33 17.86
C GLY A 211 -15.78 -15.57 19.10
N LEU A 212 -15.10 -14.46 19.41
CA LEU A 212 -15.35 -13.70 20.62
C LEU A 212 -16.09 -12.40 20.35
N HIS A 213 -16.47 -12.14 19.10
CA HIS A 213 -17.33 -11.05 18.71
C HIS A 213 -18.22 -11.60 17.60
N PRO A 214 -19.49 -11.24 17.59
CA PRO A 214 -20.36 -11.67 16.49
C PRO A 214 -19.72 -11.39 15.14
N ASN A 215 -19.83 -12.36 14.24
CA ASN A 215 -19.26 -12.25 12.91
C ASN A 215 -20.17 -11.45 11.99
N PRO A 216 -19.70 -10.33 11.43
CA PRO A 216 -20.57 -9.56 10.52
C PRO A 216 -20.73 -10.18 9.15
N VAL A 217 -19.85 -11.10 8.74
CA VAL A 217 -19.84 -11.56 7.35
C VAL A 217 -21.19 -12.08 6.90
N PRO A 218 -21.94 -12.90 7.66
CA PRO A 218 -23.24 -13.37 7.17
C PRO A 218 -24.25 -12.28 6.93
N TYR A 219 -24.13 -11.13 7.61
CA TYR A 219 -25.11 -10.05 7.52
C TYR A 219 -24.74 -9.02 6.48
N ALA A 220 -23.46 -8.63 6.42
CA ALA A 220 -23.03 -7.53 5.59
C ALA A 220 -22.99 -7.95 4.12
N ASP A 221 -23.37 -7.03 3.24
CA ASP A 221 -23.11 -7.22 1.83
C ASP A 221 -21.60 -7.32 1.59
N ILE A 222 -20.82 -6.41 2.19
CA ILE A 222 -19.37 -6.43 2.10
C ILE A 222 -18.78 -6.18 3.49
N THR A 223 -17.78 -6.97 3.85
CA THR A 223 -16.99 -6.76 5.05
C THR A 223 -15.56 -6.37 4.67
N THR A 224 -15.10 -5.23 5.18
CA THR A 224 -13.73 -4.83 5.00
C THR A 224 -13.00 -4.95 6.32
N THR A 225 -11.67 -5.02 6.23
CA THR A 225 -10.84 -5.10 7.43
C THR A 225 -9.39 -4.79 7.05
N THR A 226 -8.64 -4.37 8.05
CA THR A 226 -7.19 -4.42 8.01
C THR A 226 -6.74 -5.83 8.36
N THR A 227 -5.50 -6.15 8.00
CA THR A 227 -4.90 -7.40 8.45
C THR A 227 -4.03 -7.20 9.69
N HIS A 228 -3.66 -5.97 10.01
CA HIS A 228 -2.99 -5.69 11.27
C HIS A 228 -4.07 -5.46 12.34
N LYS A 229 -3.71 -4.81 13.44
CA LYS A 229 -4.55 -4.67 14.63
C LYS A 229 -4.74 -6.02 15.31
N THR A 230 -5.96 -6.36 15.74
CA THR A 230 -6.15 -7.56 16.55
C THR A 230 -5.83 -8.84 15.78
N LEU A 231 -5.89 -8.83 14.45
CA LEU A 231 -5.51 -9.99 13.66
C LEU A 231 -4.02 -10.31 13.78
N ARG A 232 -3.21 -9.35 14.22
CA ARG A 232 -1.76 -9.50 14.38
C ARG A 232 -1.09 -9.87 13.05
N GLY A 233 -1.57 -9.27 11.97
CA GLY A 233 -0.94 -9.44 10.68
C GLY A 233 -0.14 -8.22 10.26
N PRO A 234 0.49 -8.32 9.10
CA PRO A 234 1.17 -7.16 8.52
C PRO A 234 0.19 -6.05 8.19
N ARG A 235 0.73 -4.88 7.95
CA ARG A 235 -0.06 -3.73 7.56
C ARG A 235 -0.63 -3.92 6.16
N GLY A 236 -1.95 -3.88 6.04
CA GLY A 236 -2.63 -4.15 4.79
C GLY A 236 -4.12 -4.25 5.02
N GLY A 237 -4.87 -4.45 3.93
CA GLY A 237 -6.30 -4.52 3.99
C GLY A 237 -6.83 -5.77 3.30
N MET A 238 -8.15 -5.93 3.37
CA MET A 238 -8.80 -7.14 2.87
C MET A 238 -10.30 -6.90 2.75
N ILE A 239 -10.92 -7.59 1.79
CA ILE A 239 -12.34 -7.41 1.49
C ILE A 239 -13.00 -8.78 1.37
N LEU A 240 -14.12 -8.96 2.09
CA LEU A 240 -14.87 -10.21 2.10
C LEU A 240 -16.31 -9.97 1.64
N THR A 241 -16.89 -11.00 1.00
CA THR A 241 -18.29 -10.96 0.61
C THR A 241 -18.80 -12.37 0.34
N ASN A 242 -20.11 -12.54 0.44
CA ASN A 242 -20.79 -13.78 0.12
C ASN A 242 -21.54 -13.73 -1.20
N ASP A 243 -21.54 -12.59 -1.89
CA ASP A 243 -22.25 -12.42 -3.15
C ASP A 243 -21.25 -12.48 -4.29
N GLU A 244 -21.39 -13.47 -5.17
CA GLU A 244 -20.47 -13.59 -6.29
C GLU A 244 -20.49 -12.35 -7.17
N ALA A 245 -21.66 -11.78 -7.39
CA ALA A 245 -21.73 -10.60 -8.22
C ALA A 245 -21.01 -9.43 -7.56
N LEU A 246 -21.10 -9.34 -6.23
CA LEU A 246 -20.34 -8.31 -5.53
C LEU A 246 -18.82 -8.60 -5.65
N ALA A 247 -18.40 -9.86 -5.52
CA ALA A 247 -17.00 -10.19 -5.56
C ALA A 247 -16.39 -9.72 -6.85
N LYS A 248 -17.13 -9.86 -7.97
CA LYS A 248 -16.59 -9.41 -9.21
C LYS A 248 -16.37 -7.88 -9.21
N LYS A 249 -17.37 -7.11 -8.76
CA LYS A 249 -17.18 -5.66 -8.70
C LYS A 249 -16.03 -5.32 -7.76
N ILE A 250 -15.95 -6.00 -6.61
CA ILE A 250 -14.85 -5.76 -5.66
C ILE A 250 -13.51 -5.96 -6.35
N ASN A 251 -13.36 -7.08 -7.07
CA ASN A 251 -12.09 -7.38 -7.71
C ASN A 251 -11.72 -6.33 -8.75
N SER A 252 -12.67 -5.91 -9.59
CA SER A 252 -12.38 -4.87 -10.58
C SER A 252 -12.08 -3.53 -9.93
N ALA A 253 -12.78 -3.25 -8.82
CA ALA A 253 -12.54 -2.03 -8.06
C ALA A 253 -11.12 -1.97 -7.52
N VAL A 254 -10.62 -3.08 -6.96
CA VAL A 254 -9.27 -3.08 -6.40
C VAL A 254 -8.24 -2.93 -7.52
N PHE A 255 -8.31 -3.79 -8.53
CA PHE A 255 -7.43 -3.67 -9.67
C PHE A 255 -8.28 -4.05 -10.87
N PRO A 256 -8.28 -3.25 -11.94
CA PRO A 256 -7.47 -2.06 -12.19
C PRO A 256 -8.07 -0.76 -11.67
N GLY A 257 -9.13 -0.87 -10.86
CA GLY A 257 -9.82 0.31 -10.37
C GLY A 257 -8.94 1.29 -9.61
N ILE A 258 -8.33 0.89 -8.49
CA ILE A 258 -7.66 1.89 -7.65
C ILE A 258 -6.21 1.53 -7.33
N GLN A 259 -5.80 0.31 -7.60
CA GLN A 259 -4.44 -0.13 -7.31
C GLN A 259 -3.78 -0.64 -8.57
N GLY A 260 -2.46 -0.76 -8.51
CA GLY A 260 -1.69 -1.39 -9.57
C GLY A 260 -1.23 -2.74 -9.08
N GLY A 261 0.07 -2.97 -9.04
CA GLY A 261 0.57 -4.23 -8.56
C GLY A 261 0.37 -4.39 -7.06
N PRO A 262 0.07 -5.61 -6.64
CA PRO A 262 -0.01 -5.88 -5.20
C PRO A 262 1.36 -6.06 -4.57
N LEU A 263 1.39 -5.91 -3.25
CA LEU A 263 2.60 -6.14 -2.47
C LEU A 263 2.60 -7.61 -2.06
N GLU A 264 3.12 -8.46 -2.95
CA GLU A 264 3.04 -9.89 -2.68
C GLU A 264 3.87 -10.31 -1.49
N HIS A 265 4.91 -9.55 -1.12
CA HIS A 265 5.61 -9.88 0.11
C HIS A 265 4.75 -9.61 1.33
N VAL A 266 3.92 -8.55 1.29
CA VAL A 266 2.98 -8.29 2.38
C VAL A 266 1.85 -9.32 2.37
N ILE A 267 1.31 -9.61 1.18
CA ILE A 267 0.28 -10.65 1.07
C ILE A 267 0.79 -11.98 1.61
N ALA A 268 2.08 -12.28 1.37
CA ALA A 268 2.68 -13.46 2.01
C ALA A 268 2.63 -13.37 3.53
N GLY A 269 2.80 -12.16 4.07
CA GLY A 269 2.67 -11.99 5.51
C GLY A 269 1.25 -12.11 5.99
N LYS A 270 0.27 -11.74 5.15
CA LYS A 270 -1.15 -12.01 5.46
C LYS A 270 -1.40 -13.51 5.55
N ALA A 271 -0.88 -14.28 4.60
CA ALA A 271 -1.02 -15.73 4.65
C ALA A 271 -0.42 -16.30 5.92
N VAL A 272 0.77 -15.82 6.31
CA VAL A 272 1.40 -16.30 7.53
C VAL A 272 0.51 -15.99 8.73
N ALA A 273 0.10 -14.73 8.86
CA ALA A 273 -0.75 -14.32 9.97
C ALA A 273 -2.07 -15.09 10.01
N PHE A 274 -2.69 -15.33 8.85
CA PHE A 274 -3.97 -16.01 8.85
C PHE A 274 -3.85 -17.43 9.41
N LYS A 275 -2.78 -18.14 9.05
CA LYS A 275 -2.58 -19.48 9.60
C LYS A 275 -2.30 -19.40 11.10
N GLU A 276 -1.54 -18.41 11.54
CA GLU A 276 -1.40 -18.19 12.98
C GLU A 276 -2.76 -18.05 13.64
N ALA A 277 -3.69 -17.35 12.98
CA ALA A 277 -5.02 -17.15 13.54
C ALA A 277 -5.93 -18.36 13.44
N LEU A 278 -5.60 -19.36 12.62
CA LEU A 278 -6.35 -20.61 12.63
C LEU A 278 -5.91 -21.53 13.77
N ASP A 279 -4.81 -21.24 14.39
CA ASP A 279 -4.34 -22.07 15.49
C ASP A 279 -5.17 -21.82 16.76
N PRO A 280 -5.49 -22.88 17.52
CA PRO A 280 -6.24 -22.68 18.77
C PRO A 280 -5.59 -21.70 19.73
N ALA A 281 -4.26 -21.57 19.65
CA ALA A 281 -3.55 -20.63 20.51
C ALA A 281 -4.02 -19.21 20.29
N PHE A 282 -4.51 -18.91 19.09
CA PHE A 282 -4.94 -17.55 18.80
C PHE A 282 -6.22 -17.21 19.57
N LYS A 283 -7.10 -18.19 19.79
CA LYS A 283 -8.31 -17.97 20.57
C LYS A 283 -7.97 -17.70 22.04
N GLU A 284 -6.99 -18.42 22.59
CA GLU A 284 -6.47 -18.10 23.91
C GLU A 284 -5.88 -16.69 23.96
N TYR A 285 -5.13 -16.31 22.94
CA TYR A 285 -4.61 -14.96 22.87
C TYR A 285 -5.73 -13.92 22.89
N SER A 286 -6.79 -14.17 22.11
CA SER A 286 -7.86 -13.20 21.98
C SER A 286 -8.73 -13.16 23.24
N GLU A 287 -9.01 -14.33 23.83
CA GLU A 287 -9.62 -14.36 25.15
C GLU A 287 -8.85 -13.46 26.12
N GLN A 288 -7.52 -13.56 26.11
CA GLN A 288 -6.71 -12.74 27.01
C GLN A 288 -6.78 -11.26 26.65
N ILE A 289 -6.95 -10.93 25.37
CA ILE A 289 -7.10 -9.52 25.01
C ILE A 289 -8.29 -8.91 25.73
N ILE A 290 -9.45 -9.57 25.65
CA ILE A 290 -10.68 -9.04 26.24
C ILE A 290 -10.59 -9.03 27.77
N ALA A 291 -10.05 -10.10 28.36
CA ALA A 291 -10.00 -10.17 29.83
C ALA A 291 -9.07 -9.09 30.38
N ASN A 292 -7.94 -8.86 29.72
CA ASN A 292 -7.03 -7.78 30.10
C ASN A 292 -7.70 -6.42 29.96
N ALA A 293 -8.52 -6.25 28.92
CA ALA A 293 -9.20 -4.97 28.75
C ALA A 293 -10.25 -4.77 29.82
N LYS A 294 -11.04 -5.80 30.12
CA LYS A 294 -12.03 -5.69 31.18
C LYS A 294 -11.38 -5.41 32.53
N ALA A 295 -10.26 -6.09 32.82
CA ALA A 295 -9.55 -5.84 34.07
C ALA A 295 -9.13 -4.38 34.19
N MET A 296 -8.55 -3.83 33.11
CA MET A 296 -8.14 -2.43 33.12
C MET A 296 -9.35 -1.50 33.27
N VAL A 297 -10.47 -1.82 32.61
CA VAL A 297 -11.69 -1.03 32.76
C VAL A 297 -12.14 -1.02 34.22
N LYS A 298 -12.09 -2.18 34.87
CA LYS A 298 -12.42 -2.25 36.30
C LYS A 298 -11.61 -1.24 37.08
N VAL A 299 -10.30 -1.16 36.82
CA VAL A 299 -9.45 -0.23 37.56
C VAL A 299 -9.87 1.21 37.31
N PHE A 300 -10.20 1.54 36.06
CA PHE A 300 -10.53 2.93 35.74
C PHE A 300 -11.89 3.31 36.32
N ASN A 301 -12.87 2.40 36.24
CA ASN A 301 -14.19 2.67 36.81
C ASN A 301 -14.09 3.03 38.29
N GLN A 302 -13.15 2.40 39.00
CA GLN A 302 -12.99 2.61 40.42
C GLN A 302 -12.03 3.73 40.75
N ALA A 303 -11.23 4.19 39.79
CA ALA A 303 -10.31 5.31 40.02
C ALA A 303 -11.04 6.64 39.84
N ILE A 304 -10.43 7.71 40.34
CA ILE A 304 -11.04 9.03 40.35
C ILE A 304 -10.44 9.86 39.21
N GLY A 305 -11.31 10.32 38.30
CA GLY A 305 -10.89 11.16 37.20
C GLY A 305 -10.87 10.46 35.85
N THR A 306 -10.86 9.13 35.81
CA THR A 306 -10.78 8.36 34.57
C THR A 306 -12.14 7.72 34.31
N ARG A 307 -12.99 8.44 33.59
CA ARG A 307 -14.31 7.95 33.23
C ARG A 307 -14.22 7.09 31.97
N VAL A 308 -14.46 5.79 32.12
CA VAL A 308 -14.60 4.91 30.97
C VAL A 308 -15.88 5.26 30.21
N ILE A 309 -15.75 5.56 28.92
CA ILE A 309 -16.93 5.80 28.12
C ILE A 309 -17.78 4.54 28.12
N SER A 310 -19.07 4.72 28.44
CA SER A 310 -20.11 3.69 28.43
C SER A 310 -19.96 2.72 29.59
N GLY A 311 -18.88 2.85 30.37
CA GLY A 311 -18.76 2.18 31.64
C GLY A 311 -18.22 0.76 31.60
N ALA A 312 -18.08 0.17 30.42
CA ALA A 312 -17.54 -1.17 30.29
C ALA A 312 -16.90 -1.33 28.92
N THR A 313 -16.30 -2.50 28.70
CA THR A 313 -15.77 -2.86 27.40
C THR A 313 -16.23 -4.29 27.11
N ASP A 314 -16.56 -4.55 25.85
CA ASP A 314 -16.76 -5.93 25.39
C ASP A 314 -15.60 -6.43 24.56
N ASN A 315 -14.68 -5.55 24.15
CA ASN A 315 -13.66 -5.95 23.20
C ASN A 315 -12.28 -5.59 23.72
N HIS A 316 -11.40 -5.14 22.83
CA HIS A 316 -9.99 -4.98 23.16
C HIS A 316 -9.64 -3.59 23.66
N LEU A 317 -10.55 -2.62 23.58
CA LEU A 317 -10.18 -1.23 23.80
C LEU A 317 -11.14 -0.56 24.78
N MET A 318 -10.76 0.66 25.15
CA MET A 318 -11.61 1.51 26.00
C MET A 318 -11.24 2.95 25.71
N LEU A 319 -12.21 3.83 25.92
CA LEU A 319 -12.02 5.27 25.84
C LEU A 319 -12.09 5.84 27.25
N ILE A 320 -11.12 6.68 27.60
CA ILE A 320 -11.05 7.29 28.92
C ILE A 320 -11.31 8.78 28.77
N ASP A 321 -12.42 9.25 29.37
CA ASP A 321 -12.69 10.68 29.52
C ASP A 321 -11.87 11.22 30.69
N VAL A 322 -11.02 12.23 30.42
CA VAL A 322 -10.08 12.74 31.41
C VAL A 322 -10.41 14.16 31.83
N ARG A 323 -11.58 14.68 31.44
CA ARG A 323 -11.90 16.07 31.70
C ARG A 323 -11.90 16.41 33.19
N GLU A 324 -12.11 15.42 34.05
CA GLU A 324 -12.19 15.63 35.50
C GLU A 324 -10.81 15.64 36.15
N LEU A 325 -9.74 15.41 35.41
CA LEU A 325 -8.40 15.66 35.91
C LEU A 325 -7.91 17.04 35.51
N GLY A 326 -8.78 17.87 34.95
CA GLY A 326 -8.37 19.20 34.57
C GLY A 326 -7.47 19.25 33.36
N ILE A 327 -7.39 18.16 32.62
CA ILE A 327 -6.52 18.09 31.45
C ILE A 327 -7.35 17.74 30.22
N ASN A 328 -6.71 17.64 29.07
CA ASN A 328 -7.33 17.15 27.86
C ASN A 328 -6.54 15.95 27.35
N GLY A 329 -7.02 15.34 26.27
CA GLY A 329 -6.38 14.14 25.76
C GLY A 329 -4.92 14.35 25.39
N LYS A 330 -4.62 15.47 24.76
CA LYS A 330 -3.25 15.72 24.31
C LYS A 330 -2.29 15.86 25.49
N GLU A 331 -2.73 16.54 26.55
CA GLU A 331 -1.92 16.59 27.75
C GLU A 331 -1.84 15.21 28.39
N ALA A 332 -2.94 14.46 28.40
CA ALA A 332 -2.89 13.11 28.94
C ALA A 332 -1.93 12.25 28.14
N GLU A 333 -2.01 12.35 26.80
CA GLU A 333 -1.08 11.63 25.94
C GLU A 333 0.37 12.02 26.25
N SER A 334 0.60 13.30 26.51
CA SER A 334 1.96 13.76 26.76
C SER A 334 2.46 13.28 28.12
N ILE A 335 1.66 13.44 29.17
CA ILE A 335 2.05 12.93 30.49
C ILE A 335 2.50 11.48 30.40
N LEU A 336 1.63 10.61 29.86
CA LEU A 336 1.95 9.19 29.83
C LEU A 336 3.14 8.89 28.95
N ASP A 337 3.28 9.62 27.83
CA ASP A 337 4.46 9.41 27.01
C ASP A 337 5.74 9.66 27.80
N SER A 338 5.71 10.63 28.73
CA SER A 338 6.90 10.96 29.49
C SER A 338 7.29 9.84 30.45
N VAL A 339 6.33 9.04 30.92
CA VAL A 339 6.64 7.88 31.76
C VAL A 339 6.70 6.59 30.95
N ASN A 340 6.87 6.70 29.63
CA ASN A 340 7.09 5.56 28.73
C ASN A 340 5.85 4.72 28.53
N ILE A 341 4.71 5.38 28.37
CA ILE A 341 3.43 4.73 28.11
C ILE A 341 2.81 5.42 26.91
N THR A 342 2.61 4.65 25.83
CA THR A 342 2.03 5.20 24.60
C THR A 342 0.52 4.94 24.55
N VAL A 343 -0.24 6.02 24.43
CA VAL A 343 -1.65 5.98 24.04
C VAL A 343 -1.83 7.00 22.93
N ASN A 344 -3.08 7.22 22.49
CA ASN A 344 -3.37 8.30 21.54
C ASN A 344 -4.52 9.13 22.09
N LYS A 345 -4.38 10.46 22.00
CA LYS A 345 -5.51 11.33 22.24
C LYS A 345 -6.65 10.92 21.32
N ASN A 346 -7.88 11.08 21.79
CA ASN A 346 -8.99 10.52 21.04
C ASN A 346 -10.25 11.30 21.36
N SER A 347 -10.98 11.70 20.32
CA SER A 347 -12.28 12.34 20.53
C SER A 347 -13.21 11.41 21.30
N ILE A 348 -14.03 11.98 22.17
CA ILE A 348 -15.03 11.19 22.88
C ILE A 348 -16.42 11.56 22.38
N PRO A 349 -17.44 10.74 22.62
CA PRO A 349 -18.79 11.08 22.15
C PRO A 349 -19.19 12.48 22.58
N PHE A 350 -19.71 13.25 21.63
CA PHE A 350 -20.14 14.62 21.89
C PHE A 350 -18.97 15.50 22.29
N GLU A 351 -17.80 15.25 21.67
CA GLU A 351 -16.59 16.01 21.91
C GLU A 351 -16.81 17.50 21.68
N THR A 352 -16.37 18.29 22.64
CA THR A 352 -16.45 19.75 22.55
C THR A 352 -15.14 20.40 22.13
N LEU A 353 -14.01 19.72 22.29
CA LEU A 353 -12.72 20.31 21.97
C LEU A 353 -12.31 20.00 20.52
N SER A 354 -11.21 20.62 20.11
CA SER A 354 -10.64 20.36 18.80
C SER A 354 -10.26 18.88 18.67
N PRO A 355 -10.39 18.29 17.48
CA PRO A 355 -9.96 16.89 17.30
C PRO A 355 -8.49 16.70 17.59
N PHE A 356 -7.71 17.77 17.71
CA PHE A 356 -6.29 17.67 17.97
C PHE A 356 -5.94 17.92 19.42
N LYS A 357 -6.92 18.31 20.24
CA LYS A 357 -6.79 18.30 21.70
C LYS A 357 -7.55 17.12 22.28
N THR A 358 -8.84 17.01 21.93
CA THR A 358 -9.75 15.96 22.38
C THR A 358 -9.98 16.03 23.88
N SER A 359 -11.03 15.35 24.36
CA SER A 359 -11.29 15.26 25.79
C SER A 359 -10.91 13.90 26.37
N GLY A 360 -10.30 13.02 25.60
CA GLY A 360 -9.94 11.73 26.15
C GLY A 360 -8.74 11.05 25.51
N ILE A 361 -8.51 9.80 25.91
CA ILE A 361 -7.46 8.95 25.35
C ILE A 361 -8.06 7.58 25.06
N ARG A 362 -7.45 6.88 24.10
CA ARG A 362 -7.86 5.52 23.77
C ARG A 362 -6.77 4.55 24.21
N ILE A 363 -7.20 3.41 24.75
CA ILE A 363 -6.29 2.41 25.29
C ILE A 363 -6.77 1.05 24.82
N GLY A 364 -5.83 0.25 24.32
CA GLY A 364 -6.13 -1.12 23.93
C GLY A 364 -5.06 -2.07 24.45
N THR A 365 -5.48 -3.32 24.66
CA THR A 365 -4.66 -4.41 25.16
C THR A 365 -3.99 -5.34 24.14
N PRO A 366 -4.30 -5.31 22.83
CA PRO A 366 -3.72 -6.36 21.96
C PRO A 366 -2.19 -6.41 21.97
N ALA A 367 -1.50 -5.27 22.07
CA ALA A 367 -0.04 -5.29 21.98
C ALA A 367 0.59 -5.88 23.25
N ILE A 368 0.17 -5.42 24.43
CA ILE A 368 0.74 -5.91 25.68
C ILE A 368 0.35 -7.36 25.91
N THR A 369 -0.86 -7.74 25.50
CA THR A 369 -1.27 -9.13 25.59
C THR A 369 -0.34 -10.01 24.75
N THR A 370 0.12 -9.49 23.62
CA THR A 370 1.06 -10.22 22.79
C THR A 370 2.39 -10.40 23.50
N ARG A 371 2.86 -9.34 24.20
CA ARG A 371 4.07 -9.44 25.02
C ARG A 371 3.94 -10.42 26.17
N GLY A 372 2.74 -10.91 26.47
CA GLY A 372 2.53 -11.91 27.51
C GLY A 372 1.84 -11.39 28.77
N PHE A 373 1.43 -10.12 28.80
CA PHE A 373 0.73 -9.59 29.96
C PHE A 373 -0.54 -10.40 30.26
N LYS A 374 -0.78 -10.64 31.54
CA LYS A 374 -2.00 -11.26 32.01
C LYS A 374 -2.82 -10.23 32.77
N GLU A 375 -3.96 -10.66 33.29
CA GLU A 375 -4.86 -9.69 33.94
C GLU A 375 -4.15 -8.98 35.07
N GLU A 376 -3.41 -9.74 35.88
CA GLU A 376 -2.59 -9.15 36.93
C GLU A 376 -1.76 -7.99 36.40
N ASP A 377 -1.03 -8.24 35.30
CA ASP A 377 -0.17 -7.21 34.74
C ASP A 377 -0.98 -6.08 34.10
N ALA A 378 -2.12 -6.40 33.48
CA ALA A 378 -2.98 -5.36 32.92
C ALA A 378 -3.56 -4.48 34.02
N VAL A 379 -4.02 -5.07 35.12
CA VAL A 379 -4.44 -4.28 36.28
C VAL A 379 -3.33 -3.31 36.66
N LYS A 380 -2.09 -3.80 36.71
CA LYS A 380 -0.97 -2.97 37.10
C LYS A 380 -0.83 -1.77 36.18
N VAL A 381 -0.94 -1.99 34.86
CA VAL A 381 -0.74 -0.90 33.92
C VAL A 381 -1.78 0.19 34.14
N ALA A 382 -3.04 -0.21 34.32
CA ALA A 382 -4.08 0.79 34.53
C ALA A 382 -3.82 1.57 35.81
N GLU A 383 -3.28 0.91 36.84
CA GLU A 383 -2.91 1.63 38.05
C GLU A 383 -1.80 2.63 37.77
N LEU A 384 -0.77 2.21 37.03
CA LEU A 384 0.28 3.14 36.63
C LEU A 384 -0.29 4.29 35.81
N VAL A 385 -1.22 4.01 34.91
CA VAL A 385 -1.81 5.07 34.10
C VAL A 385 -2.56 6.07 34.98
N VAL A 386 -3.35 5.57 35.94
CA VAL A 386 -4.10 6.46 36.81
C VAL A 386 -3.17 7.25 37.73
N LYS A 387 -2.12 6.61 38.23
CA LYS A 387 -1.15 7.32 39.06
C LYS A 387 -0.49 8.46 38.29
N ALA A 388 -0.09 8.21 37.05
CA ALA A 388 0.58 9.25 36.28
C ALA A 388 -0.34 10.44 36.03
N LEU A 389 -1.60 10.16 35.65
CA LEU A 389 -2.54 11.23 35.34
C LEU A 389 -3.06 11.94 36.58
N GLN A 390 -3.05 11.27 37.74
CA GLN A 390 -3.47 11.92 38.98
C GLN A 390 -2.34 12.77 39.57
N ALA A 391 -1.09 12.43 39.27
CA ALA A 391 0.06 13.17 39.79
C ALA A 391 0.21 14.49 39.06
N LYS A 392 -0.47 15.53 39.54
CA LYS A 392 -0.43 16.84 38.92
C LYS A 392 1.00 17.36 38.85
N ASP A 393 1.73 16.95 37.81
CA ASP A 393 3.10 17.42 37.56
C ASP A 393 4.00 17.18 38.77
N ASP A 394 3.97 15.96 39.30
CA ASP A 394 4.74 15.61 40.50
C ASP A 394 5.84 14.63 40.10
N ASN A 395 7.09 15.14 40.06
CA ASN A 395 8.20 14.35 39.51
C ASN A 395 8.48 13.11 40.35
N ALA A 396 8.31 13.19 41.67
CA ALA A 396 8.51 12.02 42.49
C ALA A 396 7.56 10.90 42.07
N GLN A 397 6.28 11.23 41.90
CA GLN A 397 5.28 10.22 41.55
C GLN A 397 5.46 9.71 40.12
N LEU A 398 5.81 10.60 39.19
CA LEU A 398 6.01 10.18 37.81
C LEU A 398 7.24 9.29 37.66
N ASP A 399 8.26 9.49 38.48
CA ASP A 399 9.40 8.58 38.46
C ASP A 399 9.01 7.21 39.00
N GLU A 400 8.18 7.18 40.05
CA GLU A 400 7.62 5.92 40.52
C GLU A 400 6.97 5.16 39.37
N VAL A 401 6.08 5.84 38.64
CA VAL A 401 5.38 5.21 37.52
C VAL A 401 6.39 4.66 36.52
N LYS A 402 7.40 5.46 36.17
CA LYS A 402 8.42 5.00 35.23
C LYS A 402 9.11 3.74 35.73
N THR A 403 9.35 3.66 37.03
CA THR A 403 9.90 2.44 37.62
C THR A 403 8.96 1.26 37.40
N GLY A 404 7.66 1.47 37.63
CA GLY A 404 6.69 0.40 37.43
C GLY A 404 6.61 -0.04 35.98
N VAL A 405 6.73 0.93 35.06
CA VAL A 405 6.75 0.57 33.64
C VAL A 405 7.99 -0.24 33.31
N ARG A 406 9.15 0.15 33.85
CA ARG A 406 10.37 -0.61 33.63
C ARG A 406 10.23 -2.04 34.18
N GLU A 407 9.66 -2.19 35.37
CA GLU A 407 9.45 -3.53 35.91
C GLU A 407 8.66 -4.38 34.94
N LEU A 408 7.56 -3.83 34.42
CA LEU A 408 6.70 -4.59 33.51
C LEU A 408 7.43 -4.93 32.20
N THR A 409 8.11 -3.96 31.60
CA THR A 409 8.76 -4.24 30.31
C THR A 409 9.90 -5.26 30.46
N GLU A 410 10.66 -5.17 31.55
CA GLU A 410 11.67 -6.20 31.82
C GLU A 410 11.02 -7.55 32.08
N LYS A 411 9.87 -7.58 32.75
CA LYS A 411 9.18 -8.84 32.99
C LYS A 411 8.68 -9.50 31.71
N PHE A 412 8.44 -8.70 30.66
CA PHE A 412 7.82 -9.18 29.43
C PHE A 412 8.59 -8.64 28.21
N PRO A 413 9.82 -9.08 28.00
CA PRO A 413 10.61 -8.55 26.89
C PRO A 413 10.10 -9.07 25.55
N LEU A 414 10.67 -8.54 24.48
CA LEU A 414 10.20 -8.89 23.13
C LEU A 414 11.07 -9.96 22.47
N VAL B 5 13.71 -21.19 10.55
CA VAL B 5 13.61 -22.64 10.31
C VAL B 5 12.49 -23.22 11.16
N ASP B 6 12.30 -22.66 12.36
CA ASP B 6 11.21 -23.14 13.20
C ASP B 6 9.88 -22.57 12.74
N TYR B 7 9.81 -21.28 12.40
CA TYR B 7 8.53 -20.77 11.87
C TYR B 7 8.22 -21.39 10.53
N LYS B 8 9.26 -21.74 9.76
CA LYS B 8 9.03 -22.44 8.51
C LYS B 8 8.37 -23.79 8.74
N THR B 9 8.60 -24.40 9.91
CA THR B 9 7.96 -25.69 10.20
C THR B 9 6.47 -25.54 10.46
N PHE B 10 6.05 -24.42 11.07
CA PHE B 10 4.65 -24.24 11.37
C PHE B 10 3.82 -24.07 10.10
N ASP B 11 4.44 -23.59 9.01
CA ASP B 11 3.73 -23.29 7.78
C ASP B 11 4.56 -23.72 6.57
N PRO B 12 4.60 -25.03 6.29
CA PRO B 12 5.33 -25.50 5.11
C PRO B 12 4.72 -25.07 3.79
N ASP B 13 3.39 -24.95 3.72
CA ASP B 13 2.73 -24.50 2.51
C ASP B 13 3.26 -23.14 2.09
N LEU B 14 3.38 -22.23 3.04
CA LEU B 14 3.75 -20.86 2.69
C LEU B 14 5.22 -20.81 2.29
N TRP B 15 6.09 -21.41 3.09
CA TRP B 15 7.53 -21.22 2.91
C TRP B 15 8.09 -22.05 1.75
N ALA B 16 7.53 -23.22 1.48
CA ALA B 16 7.94 -23.95 0.28
C ALA B 16 7.59 -23.17 -0.98
N ALA B 17 6.47 -22.45 -0.97
CA ALA B 17 6.15 -21.59 -2.11
C ALA B 17 7.18 -20.48 -2.25
N ILE B 18 7.58 -19.86 -1.14
CA ILE B 18 8.57 -18.79 -1.25
C ILE B 18 9.91 -19.38 -1.67
N ALA B 19 10.24 -20.57 -1.17
CA ALA B 19 11.45 -21.26 -1.63
C ALA B 19 11.41 -21.50 -3.13
N LYS B 20 10.24 -21.84 -3.67
CA LYS B 20 10.14 -22.05 -5.10
C LYS B 20 10.33 -20.74 -5.86
N GLU B 21 9.85 -19.64 -5.29
CA GLU B 21 9.97 -18.38 -6.00
C GLU B 21 11.40 -17.87 -5.98
N GLU B 22 12.16 -18.19 -4.94
CA GLU B 22 13.58 -17.88 -4.92
C GLU B 22 14.30 -18.62 -6.03
N GLU B 23 14.05 -19.93 -6.15
CA GLU B 23 14.63 -20.70 -7.24
C GLU B 23 14.26 -20.12 -8.59
N ARG B 24 13.00 -19.73 -8.75
CA ARG B 24 12.53 -19.21 -10.03
C ARG B 24 13.22 -17.90 -10.38
N GLN B 25 13.34 -16.99 -9.41
CA GLN B 25 14.05 -15.74 -9.69
C GLN B 25 15.51 -16.02 -10.04
N GLU B 26 16.10 -17.03 -9.43
CA GLU B 26 17.50 -17.33 -9.72
C GLU B 26 17.68 -17.97 -11.09
N HIS B 27 16.70 -18.73 -11.57
CA HIS B 27 16.88 -19.52 -12.78
C HIS B 27 16.25 -18.90 -14.03
N ASN B 28 15.58 -17.78 -13.89
CA ASN B 28 14.90 -17.17 -15.02
C ASN B 28 15.63 -15.94 -15.49
N LEU B 29 15.48 -15.64 -16.77
CA LEU B 29 15.80 -14.33 -17.30
C LEU B 29 14.59 -13.44 -17.07
N GLU B 30 14.71 -12.52 -16.13
CA GLU B 30 13.62 -11.57 -15.85
C GLU B 30 13.78 -10.38 -16.79
N LEU B 31 12.98 -10.35 -17.85
CA LEU B 31 12.97 -9.24 -18.80
C LEU B 31 11.74 -8.33 -18.67
N ILE B 32 10.94 -8.49 -17.62
CA ILE B 32 9.82 -7.58 -17.38
C ILE B 32 10.38 -6.19 -17.07
N ALA B 33 9.99 -5.21 -17.89
CA ALA B 33 10.67 -3.91 -17.89
C ALA B 33 10.56 -3.17 -16.57
N SER B 34 9.57 -3.51 -15.74
CA SER B 34 9.34 -2.81 -14.48
C SER B 34 9.83 -3.59 -13.27
N GLU B 35 10.54 -4.68 -13.47
CA GLU B 35 11.02 -5.45 -12.33
C GLU B 35 12.51 -5.21 -12.08
N ASN B 36 12.95 -5.58 -10.88
CA ASN B 36 14.33 -5.42 -10.50
C ASN B 36 14.62 -6.36 -9.34
N PHE B 37 15.85 -6.30 -8.83
CA PHE B 37 16.25 -7.05 -7.66
C PHE B 37 16.72 -6.03 -6.65
N VAL B 38 15.92 -5.80 -5.61
CA VAL B 38 16.34 -4.87 -4.58
C VAL B 38 17.47 -5.49 -3.77
N SER B 39 18.20 -4.63 -3.07
CA SER B 39 19.37 -5.05 -2.32
C SER B 39 18.96 -5.78 -1.03
N GLU B 40 19.94 -6.43 -0.42
CA GLU B 40 19.67 -7.12 0.83
C GLU B 40 19.22 -6.14 1.91
N ALA B 41 19.79 -4.93 1.90
CA ALA B 41 19.44 -3.92 2.89
C ALA B 41 17.98 -3.47 2.76
N VAL B 42 17.50 -3.32 1.53
CA VAL B 42 16.11 -2.93 1.30
C VAL B 42 15.18 -3.98 1.89
N MET B 43 15.42 -5.24 1.52
CA MET B 43 14.61 -6.33 2.04
C MET B 43 14.67 -6.38 3.55
N ALA B 44 15.86 -6.17 4.12
CA ALA B 44 16.01 -6.15 5.58
C ALA B 44 15.18 -5.04 6.20
N ALA B 45 15.07 -3.90 5.50
CA ALA B 45 14.26 -2.79 5.98
C ALA B 45 12.78 -3.15 5.98
N GLN B 46 12.27 -3.67 4.85
CA GLN B 46 10.87 -4.11 4.82
C GLN B 46 10.58 -5.23 5.81
N GLY B 47 11.61 -5.93 6.28
CA GLY B 47 11.37 -7.01 7.21
C GLY B 47 11.65 -6.64 8.64
N SER B 48 11.76 -5.35 8.93
CA SER B 48 12.07 -4.86 10.26
C SER B 48 10.81 -4.69 11.10
N ILE B 49 11.02 -4.37 12.38
CA ILE B 49 9.94 -4.17 13.36
C ILE B 49 9.24 -2.86 13.07
N LEU B 50 9.61 -2.20 11.98
CA LEU B 50 8.89 -0.97 11.68
C LEU B 50 7.48 -1.24 11.18
N THR B 51 7.15 -2.48 10.82
CA THR B 51 5.79 -2.77 10.44
C THR B 51 4.84 -2.60 11.61
N ASN B 52 5.36 -2.63 12.84
CA ASN B 52 4.51 -2.51 14.03
C ASN B 52 4.12 -1.09 14.38
N LYS B 53 4.69 -0.06 13.76
CA LYS B 53 4.43 1.30 14.19
C LYS B 53 3.34 1.94 13.33
N TYR B 54 2.28 2.42 13.98
CA TYR B 54 1.33 3.34 13.38
C TYR B 54 1.92 4.75 13.44
N ALA B 55 1.89 5.44 12.32
CA ALA B 55 2.46 6.78 12.24
C ALA B 55 1.59 7.68 11.37
N GLU B 56 0.30 7.66 11.62
CA GLU B 56 -0.59 8.56 10.88
C GLU B 56 -0.18 10.01 11.10
N GLY B 57 -0.17 10.79 10.04
CA GLY B 57 0.43 12.11 10.06
C GLY B 57 1.74 12.15 9.28
N TYR B 58 2.53 13.18 9.57
CA TYR B 58 3.82 13.39 8.92
C TYR B 58 4.88 13.64 9.99
N PRO B 59 6.17 13.54 9.63
CA PRO B 59 7.21 13.77 10.64
C PRO B 59 7.03 15.13 11.31
N GLY B 60 7.12 15.13 12.64
CA GLY B 60 6.87 16.33 13.41
C GLY B 60 5.41 16.67 13.58
N HIS B 61 4.49 15.95 12.93
CA HIS B 61 3.06 16.23 13.02
C HIS B 61 2.26 14.94 12.97
N ARG B 62 2.62 13.98 13.82
CA ARG B 62 1.87 12.75 13.91
C ARG B 62 0.66 12.95 14.80
N TYR B 63 -0.25 11.98 14.78
CA TYR B 63 -1.47 12.10 15.53
C TYR B 63 -1.34 11.53 16.92
N TYR B 64 -0.17 10.98 17.25
CA TYR B 64 0.12 10.47 18.58
C TYR B 64 1.63 10.33 18.72
N GLY B 65 2.07 9.91 19.90
CA GLY B 65 3.48 9.88 20.23
C GLY B 65 4.17 8.60 19.80
N GLY B 66 5.43 8.48 20.20
CA GLY B 66 6.23 7.32 19.91
C GLY B 66 6.89 7.31 18.55
N CYS B 67 6.81 8.39 17.78
CA CYS B 67 7.31 8.43 16.42
C CYS B 67 8.67 9.11 16.29
N GLU B 68 9.43 9.18 17.38
CA GLU B 68 10.71 9.89 17.34
C GLU B 68 11.61 9.36 16.23
N PHE B 69 11.78 8.04 16.17
CA PHE B 69 12.73 7.46 15.24
C PHE B 69 12.09 7.11 13.91
N VAL B 70 10.80 6.84 13.89
CA VAL B 70 10.09 6.75 12.61
C VAL B 70 10.19 8.07 11.86
N ASP B 71 10.30 9.18 12.59
CA ASP B 71 10.45 10.47 11.91
C ASP B 71 11.84 10.64 11.30
N ILE B 72 12.89 10.17 11.97
CA ILE B 72 14.21 10.15 11.35
C ILE B 72 14.16 9.36 10.04
N VAL B 73 13.64 8.14 10.12
CA VAL B 73 13.59 7.27 8.94
C VAL B 73 12.89 7.96 7.79
N GLU B 74 11.67 8.46 8.04
CA GLU B 74 10.90 9.07 6.96
C GLU B 74 11.53 10.39 6.51
N ASN B 75 12.12 11.16 7.43
CA ASN B 75 12.83 12.37 7.01
C ASN B 75 14.07 12.03 6.17
N LEU B 76 14.75 10.92 6.48
CA LEU B 76 15.85 10.48 5.61
C LEU B 76 15.34 10.22 4.20
N ALA B 77 14.22 9.52 4.08
CA ALA B 77 13.66 9.22 2.77
C ALA B 77 13.30 10.50 2.05
N ILE B 78 12.59 11.41 2.74
CA ILE B 78 12.22 12.69 2.15
C ILE B 78 13.46 13.45 1.69
N ASP B 79 14.45 13.60 2.58
CA ASP B 79 15.61 14.42 2.23
C ASP B 79 16.42 13.81 1.10
N ARG B 80 16.59 12.49 1.11
CA ARG B 80 17.35 11.84 0.04
C ARG B 80 16.62 11.95 -1.28
N ALA B 81 15.28 11.97 -1.26
CA ALA B 81 14.52 12.14 -2.48
C ALA B 81 14.68 13.55 -3.03
N LYS B 82 14.60 14.55 -2.13
CA LYS B 82 14.84 15.92 -2.55
C LYS B 82 16.20 16.04 -3.21
N GLU B 83 17.18 15.33 -2.67
CA GLU B 83 18.54 15.43 -3.18
C GLU B 83 18.72 14.65 -4.49
N LEU B 84 18.12 13.46 -4.59
CA LEU B 84 18.26 12.67 -5.82
C LEU B 84 17.73 13.43 -7.04
N PHE B 85 16.56 14.04 -6.89
CA PHE B 85 15.85 14.59 -8.02
C PHE B 85 15.81 16.10 -8.03
N GLY B 86 16.30 16.74 -6.98
CA GLY B 86 16.37 18.19 -6.91
C GLY B 86 15.03 18.87 -6.78
N ALA B 87 14.11 18.29 -6.01
CA ALA B 87 12.82 18.91 -5.75
C ALA B 87 12.83 19.52 -4.37
N LYS B 88 12.07 20.61 -4.20
CA LYS B 88 11.99 21.26 -2.90
C LYS B 88 11.12 20.52 -1.91
N PHE B 89 10.16 19.73 -2.39
CA PHE B 89 9.25 19.01 -1.51
C PHE B 89 9.10 17.58 -2.02
N ALA B 90 9.01 16.65 -1.07
CA ALA B 90 8.82 15.24 -1.39
C ALA B 90 7.88 14.61 -0.38
N ASN B 91 6.98 13.77 -0.89
CA ASN B 91 6.08 12.97 -0.06
C ASN B 91 6.37 11.50 -0.36
N VAL B 92 6.76 10.73 0.65
CA VAL B 92 7.18 9.34 0.49
C VAL B 92 6.15 8.37 1.06
N GLN B 93 4.97 8.85 1.42
CA GLN B 93 3.98 7.97 1.99
C GLN B 93 3.13 7.16 1.00
N PRO B 94 2.98 7.54 -0.28
CA PRO B 94 2.10 6.75 -1.15
C PRO B 94 2.44 5.26 -1.14
N HIS B 95 1.41 4.42 -0.96
CA HIS B 95 1.61 2.97 -0.93
C HIS B 95 2.07 2.43 -2.27
N SER B 96 1.88 3.18 -3.36
CA SER B 96 2.14 2.66 -4.69
C SER B 96 2.18 3.82 -5.69
N GLY B 97 2.59 3.51 -6.91
CA GLY B 97 2.50 4.49 -7.98
C GLY B 97 1.08 4.94 -8.25
N SER B 98 0.12 4.02 -8.15
CA SER B 98 -1.28 4.37 -8.35
C SER B 98 -1.77 5.32 -7.26
N GLN B 99 -1.37 5.09 -6.01
CA GLN B 99 -1.74 6.03 -4.95
C GLN B 99 -1.06 7.38 -5.17
N ALA B 100 0.24 7.35 -5.51
CA ALA B 100 0.95 8.59 -5.82
C ALA B 100 0.18 9.39 -6.86
N ASN B 101 -0.25 8.73 -7.94
CA ASN B 101 -0.96 9.42 -9.01
C ASN B 101 -2.35 9.87 -8.57
N THR B 102 -3.03 9.04 -7.76
CA THR B 102 -4.36 9.42 -7.23
C THR B 102 -4.28 10.72 -6.45
N ALA B 103 -3.29 10.83 -5.57
CA ALA B 103 -3.13 12.02 -4.75
C ALA B 103 -2.71 13.23 -5.59
N ALA B 104 -1.89 13.01 -6.62
CA ALA B 104 -1.44 14.11 -7.47
C ALA B 104 -2.59 14.70 -8.25
N TYR B 105 -3.42 13.85 -8.86
CA TYR B 105 -4.64 14.35 -9.48
C TYR B 105 -5.49 15.16 -8.52
N LEU B 106 -5.65 14.70 -7.27
CA LEU B 106 -6.51 15.42 -6.35
C LEU B 106 -5.95 16.79 -6.02
N ALA B 107 -4.65 17.00 -6.16
CA ALA B 107 -4.01 18.28 -5.91
C ALA B 107 -4.01 19.21 -7.11
N LEU B 108 -4.42 18.73 -8.28
CA LEU B 108 -4.29 19.48 -9.51
C LEU B 108 -5.61 19.81 -10.19
N VAL B 109 -6.61 18.93 -10.11
CA VAL B 109 -7.85 19.06 -10.85
C VAL B 109 -9.01 18.62 -9.97
N GLU B 110 -10.25 18.96 -10.42
CA GLU B 110 -11.52 18.53 -9.83
C GLU B 110 -12.10 17.37 -10.61
N PRO B 111 -12.93 16.55 -9.99
CA PRO B 111 -13.62 15.50 -10.74
C PRO B 111 -14.29 16.11 -11.95
N GLY B 112 -14.18 15.40 -13.09
CA GLY B 112 -14.76 15.85 -14.33
C GLY B 112 -13.90 16.76 -15.18
N ASP B 113 -12.76 17.25 -14.67
CA ASP B 113 -11.91 18.14 -15.44
C ASP B 113 -11.29 17.41 -16.64
N THR B 114 -10.97 18.18 -17.67
CA THR B 114 -10.32 17.62 -18.85
C THR B 114 -8.82 17.46 -18.63
N ILE B 115 -8.32 16.26 -18.93
CA ILE B 115 -6.90 15.93 -18.75
C ILE B 115 -6.41 15.25 -20.02
N LEU B 116 -5.24 15.65 -20.46
CA LEU B 116 -4.57 15.06 -21.60
C LEU B 116 -3.50 14.09 -21.10
N GLY B 117 -3.56 12.84 -21.54
CA GLY B 117 -2.61 11.83 -21.11
C GLY B 117 -2.41 10.78 -22.18
N MET B 118 -1.33 10.03 -22.05
CA MET B 118 -0.94 9.13 -23.14
C MET B 118 -1.83 7.91 -23.21
N ASP B 119 -2.24 7.55 -24.43
CA ASP B 119 -3.14 6.44 -24.64
C ASP B 119 -2.48 5.11 -24.27
N LEU B 120 -3.28 4.18 -23.76
CA LEU B 120 -2.73 2.92 -23.26
C LEU B 120 -1.98 2.16 -24.36
N SER B 121 -2.62 1.97 -25.51
CA SER B 121 -1.98 1.28 -26.63
C SER B 121 -0.66 1.94 -27.02
N ALA B 122 -0.61 3.27 -26.93
CA ALA B 122 0.55 4.03 -27.30
C ALA B 122 1.66 4.00 -26.26
N GLY B 123 1.38 3.49 -25.07
CA GLY B 123 2.46 3.34 -24.10
C GLY B 123 2.14 3.96 -22.77
N GLY B 124 0.97 4.60 -22.66
CA GLY B 124 0.58 5.21 -21.42
C GLY B 124 0.20 4.18 -20.37
N HIS B 125 0.17 4.62 -19.13
CA HIS B 125 -0.22 3.75 -18.03
C HIS B 125 -1.74 3.73 -17.86
N LEU B 126 -2.22 2.71 -17.13
CA LEU B 126 -3.63 2.61 -16.79
C LEU B 126 -4.13 3.88 -16.10
N THR B 127 -3.33 4.43 -15.19
CA THR B 127 -3.68 5.64 -14.44
C THR B 127 -3.56 6.92 -15.26
N HIS B 128 -3.30 6.81 -16.56
CA HIS B 128 -3.26 7.98 -17.44
C HIS B 128 -4.52 8.08 -18.27
N GLY B 129 -5.62 7.52 -17.78
CA GLY B 129 -6.92 7.85 -18.34
C GLY B 129 -7.73 6.68 -18.84
N SER B 130 -7.30 5.46 -18.52
CA SER B 130 -8.07 4.30 -18.91
C SER B 130 -9.46 4.34 -18.25
N PRO B 131 -10.51 4.03 -19.00
CA PRO B 131 -11.87 4.04 -18.41
C PRO B 131 -12.10 2.97 -17.33
N VAL B 132 -11.28 1.91 -17.26
CA VAL B 132 -11.45 0.92 -16.20
C VAL B 132 -10.73 1.31 -14.92
N ASN B 133 -10.07 2.46 -14.91
CA ASN B 133 -9.24 2.91 -13.81
C ASN B 133 -9.85 4.17 -13.22
N PHE B 134 -9.54 4.44 -11.95
CA PHE B 134 -10.07 5.63 -11.30
C PHE B 134 -9.83 6.88 -12.14
N SER B 135 -8.73 6.91 -12.88
CA SER B 135 -8.39 8.10 -13.66
C SER B 135 -9.41 8.36 -14.75
N GLY B 136 -9.72 7.32 -15.55
CA GLY B 136 -10.72 7.48 -16.58
C GLY B 136 -12.10 7.71 -16.03
N LYS B 137 -12.41 7.09 -14.89
CA LYS B 137 -13.75 7.20 -14.32
C LYS B 137 -13.99 8.58 -13.71
N THR B 138 -12.95 9.22 -13.19
CA THR B 138 -13.13 10.40 -12.36
C THR B 138 -12.97 11.70 -13.13
N TYR B 139 -12.24 11.66 -14.24
CA TYR B 139 -11.85 12.84 -14.99
C TYR B 139 -12.17 12.63 -16.46
N HIS B 140 -12.16 13.71 -17.23
CA HIS B 140 -12.46 13.59 -18.65
C HIS B 140 -11.14 13.57 -19.40
N PHE B 141 -10.61 12.38 -19.61
CA PHE B 141 -9.29 12.23 -20.22
C PHE B 141 -9.40 12.29 -21.73
N VAL B 142 -8.49 13.02 -22.36
CA VAL B 142 -8.34 12.98 -23.80
C VAL B 142 -6.94 12.48 -24.09
N ALA B 143 -6.84 11.46 -24.93
CA ALA B 143 -5.60 10.75 -25.15
C ALA B 143 -4.84 11.33 -26.32
N TYR B 144 -3.52 11.46 -26.16
CA TYR B 144 -2.60 11.53 -27.28
C TYR B 144 -1.84 10.22 -27.39
N GLY B 145 -1.26 10.00 -28.56
CA GLY B 145 -0.55 8.77 -28.82
C GLY B 145 0.75 9.07 -29.53
N VAL B 146 1.15 8.15 -30.40
CA VAL B 146 2.35 8.32 -31.18
C VAL B 146 1.95 8.32 -32.65
N ASP B 147 2.88 8.75 -33.48
CA ASP B 147 2.70 8.78 -34.93
C ASP B 147 2.78 7.37 -35.49
N PRO B 148 1.87 6.99 -36.40
CA PRO B 148 1.86 5.60 -36.90
C PRO B 148 3.11 5.18 -37.65
N THR B 149 3.85 6.11 -38.24
CA THR B 149 5.04 5.73 -39.01
C THR B 149 6.29 5.67 -38.16
N THR B 150 6.57 6.73 -37.38
CA THR B 150 7.74 6.76 -36.53
C THR B 150 7.51 6.19 -35.14
N GLU B 151 6.25 6.04 -34.73
CA GLU B 151 5.87 5.50 -33.41
C GLU B 151 6.55 6.25 -32.26
N VAL B 152 6.70 7.57 -32.42
CA VAL B 152 7.18 8.44 -31.36
C VAL B 152 6.14 9.54 -31.17
N ILE B 153 6.19 10.19 -30.01
CA ILE B 153 5.20 11.22 -29.72
C ILE B 153 5.33 12.34 -30.74
N ASP B 154 4.22 12.75 -31.31
CA ASP B 154 4.16 13.89 -32.22
C ASP B 154 3.73 15.10 -31.42
N TYR B 155 4.68 15.98 -31.10
CA TYR B 155 4.38 17.09 -30.21
C TYR B 155 3.49 18.14 -30.87
N ASN B 156 3.45 18.20 -32.19
CA ASN B 156 2.48 19.09 -32.83
C ASN B 156 1.07 18.59 -32.60
N VAL B 157 0.89 17.27 -32.51
CA VAL B 157 -0.42 16.70 -32.25
C VAL B 157 -0.84 16.96 -30.81
N VAL B 158 0.11 16.87 -29.87
CA VAL B 158 -0.20 17.24 -28.49
C VAL B 158 -0.66 18.69 -28.42
N ARG B 159 0.08 19.58 -29.10
CA ARG B 159 -0.30 20.98 -29.22
C ARG B 159 -1.69 21.12 -29.81
N ILE B 160 -1.95 20.44 -30.92
CA ILE B 160 -3.25 20.51 -31.57
C ILE B 160 -4.35 20.06 -30.62
N LEU B 161 -4.14 18.93 -29.93
CA LEU B 161 -5.13 18.44 -28.97
C LEU B 161 -5.30 19.41 -27.81
N ALA B 162 -4.19 19.88 -27.25
CA ALA B 162 -4.25 20.78 -26.10
C ALA B 162 -5.06 22.03 -26.41
N ARG B 163 -4.87 22.57 -27.61
CA ARG B 163 -5.57 23.79 -27.99
C ARG B 163 -7.03 23.49 -28.25
N LYS B 164 -7.34 22.34 -28.82
CA LYS B 164 -8.73 22.00 -29.09
C LYS B 164 -9.51 21.75 -27.81
N HIS B 165 -8.96 20.97 -26.89
CA HIS B 165 -9.74 20.54 -25.73
C HIS B 165 -9.50 21.38 -24.49
N GLN B 166 -8.49 22.26 -24.52
CA GLN B 166 -8.20 23.15 -23.39
C GLN B 166 -8.15 22.36 -22.07
N PRO B 167 -7.20 21.42 -21.96
CA PRO B 167 -7.13 20.63 -20.74
C PRO B 167 -6.78 21.49 -19.53
N LYS B 168 -7.31 21.10 -18.37
CA LYS B 168 -6.85 21.73 -17.14
C LYS B 168 -5.47 21.20 -16.72
N LEU B 169 -5.10 20.02 -17.20
CA LEU B 169 -3.87 19.36 -16.82
C LEU B 169 -3.46 18.49 -17.99
N ILE B 170 -2.15 18.47 -18.27
CA ILE B 170 -1.55 17.55 -19.23
C ILE B 170 -0.67 16.60 -18.45
N VAL B 171 -0.78 15.30 -18.77
CA VAL B 171 0.01 14.26 -18.11
C VAL B 171 1.02 13.70 -19.10
N ALA B 172 2.28 13.65 -18.70
CA ALA B 172 3.33 13.03 -19.48
C ALA B 172 3.91 11.89 -18.67
N GLY B 173 4.57 10.97 -19.37
CA GLY B 173 5.04 9.75 -18.75
C GLY B 173 4.39 8.53 -19.38
N ALA B 174 5.04 7.37 -19.25
CA ALA B 174 4.62 6.22 -20.01
C ALA B 174 5.08 4.95 -19.29
N SER B 175 4.44 3.85 -19.67
CA SER B 175 4.85 2.54 -19.19
C SER B 175 5.48 1.67 -20.25
N ALA B 176 5.23 1.94 -21.54
CA ALA B 176 5.76 1.12 -22.63
C ALA B 176 6.26 2.01 -23.76
N TYR B 177 6.98 3.07 -23.44
CA TYR B 177 7.51 4.00 -24.43
C TYR B 177 9.01 4.05 -24.27
N GLY B 178 9.74 3.70 -25.32
CA GLY B 178 11.18 3.54 -25.26
C GLY B 178 12.00 4.74 -25.65
N ARG B 179 11.39 5.89 -25.95
CA ARG B 179 12.13 7.04 -26.43
C ARG B 179 12.15 8.15 -25.40
N THR B 180 13.10 9.06 -25.57
CA THR B 180 13.21 10.21 -24.69
C THR B 180 11.89 10.99 -24.72
N ILE B 181 11.47 11.45 -23.55
CA ILE B 181 10.27 12.27 -23.45
C ILE B 181 10.72 13.71 -23.23
N ASP B 182 10.28 14.59 -24.13
CA ASP B 182 10.67 16.00 -24.14
C ASP B 182 9.75 16.76 -23.19
N PHE B 183 10.20 16.88 -21.94
CA PHE B 183 9.43 17.59 -20.93
C PHE B 183 9.35 19.07 -21.22
N ALA B 184 10.42 19.66 -21.79
CA ALA B 184 10.39 21.08 -22.12
C ALA B 184 9.28 21.40 -23.10
N LYS B 185 9.07 20.53 -24.09
CA LYS B 185 8.02 20.75 -25.05
C LYS B 185 6.64 20.54 -24.44
N PHE B 186 6.53 19.66 -23.44
CA PHE B 186 5.27 19.53 -22.70
C PHE B 186 5.01 20.79 -21.88
N ARG B 187 6.04 21.27 -21.17
CA ARG B 187 5.89 22.49 -20.40
C ARG B 187 5.48 23.66 -21.28
N GLU B 188 5.98 23.70 -22.52
CA GLU B 188 5.66 24.82 -23.40
C GLU B 188 4.24 24.69 -23.98
N ILE B 189 3.78 23.46 -24.19
CA ILE B 189 2.40 23.26 -24.64
C ILE B 189 1.41 23.54 -23.51
N ALA B 190 1.73 23.10 -22.30
CA ALA B 190 0.88 23.41 -21.16
C ALA B 190 0.75 24.92 -20.98
N ASP B 191 1.88 25.64 -21.00
CA ASP B 191 1.87 27.09 -20.80
C ASP B 191 1.04 27.79 -21.87
N GLU B 192 1.11 27.31 -23.10
CA GLU B 192 0.37 27.94 -24.19
C GLU B 192 -1.14 27.86 -23.94
N VAL B 193 -1.63 26.74 -23.40
CA VAL B 193 -3.05 26.59 -23.10
C VAL B 193 -3.37 26.85 -21.63
N GLY B 194 -2.40 27.22 -20.82
CA GLY B 194 -2.73 27.51 -19.43
C GLY B 194 -3.03 26.30 -18.59
N ALA B 195 -2.68 25.10 -19.04
CA ALA B 195 -2.83 23.87 -18.28
C ALA B 195 -1.66 23.65 -17.32
N LYS B 196 -1.93 22.89 -16.26
CA LYS B 196 -0.85 22.40 -15.42
C LYS B 196 -0.17 21.21 -16.11
N LEU B 197 1.01 20.85 -15.61
CA LEU B 197 1.76 19.74 -16.17
C LEU B 197 2.09 18.76 -15.06
N MET B 198 1.69 17.51 -15.23
CA MET B 198 2.03 16.42 -14.34
C MET B 198 2.86 15.42 -15.12
N VAL B 199 3.98 15.00 -14.54
CA VAL B 199 4.85 13.99 -15.13
C VAL B 199 4.90 12.79 -14.20
N ASP B 200 4.69 11.62 -14.76
CA ASP B 200 4.77 10.36 -14.04
C ASP B 200 6.03 9.67 -14.58
N MET B 201 7.10 9.70 -13.79
CA MET B 201 8.39 9.18 -14.22
C MET B 201 8.70 7.81 -13.65
N ALA B 202 7.67 7.05 -13.25
CA ALA B 202 7.90 5.79 -12.56
C ALA B 202 8.96 4.94 -13.25
N HIS B 203 8.84 4.77 -14.56
CA HIS B 203 9.72 3.84 -15.23
C HIS B 203 11.14 4.37 -15.33
N ILE B 204 11.30 5.68 -15.50
CA ILE B 204 12.60 6.26 -15.80
C ILE B 204 13.19 6.97 -14.60
N ALA B 205 12.57 6.86 -13.42
CA ALA B 205 13.06 7.59 -12.25
C ALA B 205 14.54 7.34 -12.01
N GLY B 206 14.98 6.08 -12.13
CA GLY B 206 16.39 5.77 -11.92
C GLY B 206 17.28 6.36 -12.99
N LEU B 207 16.85 6.30 -14.25
CA LEU B 207 17.60 6.96 -15.30
C LEU B 207 17.67 8.45 -15.08
N VAL B 208 16.56 9.05 -14.62
CA VAL B 208 16.56 10.47 -14.32
C VAL B 208 17.55 10.76 -13.21
N ALA B 209 17.49 9.98 -12.13
CA ALA B 209 18.42 10.17 -11.01
C ALA B 209 19.87 10.10 -11.46
N ALA B 210 20.17 9.22 -12.42
CA ALA B 210 21.52 9.08 -12.93
C ALA B 210 21.89 10.17 -13.91
N GLY B 211 20.98 11.10 -14.22
CA GLY B 211 21.25 12.10 -15.24
C GLY B 211 21.22 11.60 -16.67
N LEU B 212 20.72 10.38 -16.92
CA LEU B 212 20.73 9.79 -18.25
C LEU B 212 19.41 9.93 -18.97
N HIS B 213 18.45 10.65 -18.39
CA HIS B 213 17.22 11.04 -19.05
C HIS B 213 16.89 12.43 -18.54
N PRO B 214 16.44 13.34 -19.41
CA PRO B 214 16.08 14.70 -18.96
C PRO B 214 15.18 14.69 -17.72
N ASN B 215 15.50 15.56 -16.75
CA ASN B 215 14.77 15.58 -15.48
C ASN B 215 13.45 16.34 -15.65
N PRO B 216 12.31 15.71 -15.37
CA PRO B 216 11.04 16.43 -15.44
C PRO B 216 10.79 17.37 -14.26
N VAL B 217 11.48 17.18 -13.14
CA VAL B 217 11.09 17.89 -11.91
C VAL B 217 11.09 19.40 -12.09
N PRO B 218 12.02 20.03 -12.82
CA PRO B 218 11.92 21.49 -13.03
C PRO B 218 10.76 21.90 -13.95
N TYR B 219 10.20 21.00 -14.74
CA TYR B 219 9.14 21.43 -15.65
C TYR B 219 7.75 21.10 -15.15
N ALA B 220 7.58 20.05 -14.36
CA ALA B 220 6.27 19.59 -13.96
C ALA B 220 5.82 20.32 -12.70
N ASP B 221 4.55 20.74 -12.70
CA ASP B 221 3.93 21.20 -11.47
C ASP B 221 4.08 20.15 -10.37
N ILE B 222 3.76 18.88 -10.70
CA ILE B 222 3.96 17.76 -9.81
C ILE B 222 4.61 16.63 -10.62
N THR B 223 5.56 15.93 -10.00
CA THR B 223 6.13 14.71 -10.54
C THR B 223 5.82 13.56 -9.58
N THR B 224 5.26 12.48 -10.12
CA THR B 224 5.02 11.25 -9.39
C THR B 224 5.96 10.16 -9.87
N THR B 225 6.13 9.14 -9.04
CA THR B 225 6.97 8.02 -9.43
C THR B 225 6.70 6.86 -8.47
N THR B 226 7.06 5.67 -8.93
CA THR B 226 7.29 4.53 -8.06
C THR B 226 8.71 4.61 -7.51
N THR B 227 8.95 3.84 -6.45
CA THR B 227 10.29 3.69 -5.92
C THR B 227 10.93 2.39 -6.33
N HIS B 228 10.16 1.45 -6.86
CA HIS B 228 10.71 0.30 -7.56
C HIS B 228 10.87 0.67 -9.04
N LYS B 229 11.22 -0.33 -9.87
CA LYS B 229 11.53 -0.17 -11.30
C LYS B 229 12.99 0.28 -11.47
N THR B 230 13.28 1.31 -12.28
CA THR B 230 14.68 1.63 -12.48
C THR B 230 15.33 2.23 -11.22
N LEU B 231 14.54 2.84 -10.35
CA LEU B 231 15.09 3.31 -9.07
C LEU B 231 15.53 2.16 -8.19
N ARG B 232 14.96 0.97 -8.37
CA ARG B 232 15.41 -0.24 -7.70
C ARG B 232 15.22 -0.17 -6.18
N GLY B 233 14.14 0.48 -5.73
CA GLY B 233 13.75 0.46 -4.34
C GLY B 233 12.60 -0.48 -4.07
N PRO B 234 12.03 -0.42 -2.87
CA PRO B 234 10.85 -1.23 -2.57
C PRO B 234 9.65 -0.78 -3.39
N ARG B 235 8.63 -1.63 -3.43
CA ARG B 235 7.38 -1.25 -4.09
C ARG B 235 6.72 -0.11 -3.33
N GLY B 236 6.41 0.96 -4.04
CA GLY B 236 5.84 2.11 -3.37
C GLY B 236 5.78 3.27 -4.31
N GLY B 237 5.29 4.40 -3.79
CA GLY B 237 5.13 5.60 -4.58
C GLY B 237 5.76 6.80 -3.91
N MET B 238 5.84 7.88 -4.67
CA MET B 238 6.42 9.13 -4.20
C MET B 238 5.85 10.28 -5.03
N ILE B 239 5.74 11.45 -4.41
CA ILE B 239 5.27 12.65 -5.08
C ILE B 239 6.28 13.75 -4.85
N LEU B 240 6.71 14.41 -5.93
CA LEU B 240 7.68 15.50 -5.88
C LEU B 240 7.05 16.78 -6.41
N THR B 241 7.42 17.90 -5.79
CA THR B 241 7.03 19.21 -6.31
C THR B 241 8.05 20.24 -5.85
N ASN B 242 8.10 21.34 -6.59
CA ASN B 242 8.80 22.54 -6.16
C ASN B 242 7.86 23.61 -5.62
N ASP B 243 6.56 23.52 -5.89
CA ASP B 243 5.57 24.51 -5.48
C ASP B 243 5.04 24.22 -4.07
N GLU B 244 5.22 25.19 -3.16
CA GLU B 244 4.88 24.97 -1.76
C GLU B 244 3.37 24.83 -1.54
N ALA B 245 2.55 25.55 -2.30
CA ALA B 245 1.10 25.42 -2.14
C ALA B 245 0.65 24.03 -2.56
N LEU B 246 1.16 23.55 -3.70
CA LEU B 246 0.88 22.17 -4.12
C LEU B 246 1.37 21.18 -3.08
N ALA B 247 2.55 21.39 -2.52
CA ALA B 247 3.07 20.48 -1.51
C ALA B 247 2.06 20.25 -0.40
N LYS B 248 1.37 21.31 0.02
CA LYS B 248 0.38 21.18 1.09
C LYS B 248 -0.86 20.43 0.59
N LYS B 249 -1.33 20.73 -0.62
CA LYS B 249 -2.41 19.95 -1.19
C LYS B 249 -2.02 18.49 -1.35
N ILE B 250 -0.79 18.24 -1.78
CA ILE B 250 -0.30 16.88 -1.94
C ILE B 250 -0.34 16.16 -0.60
N ASN B 251 0.24 16.76 0.42
CA ASN B 251 0.33 16.07 1.71
C ASN B 251 -1.06 15.81 2.28
N SER B 252 -2.00 16.77 2.11
CA SER B 252 -3.38 16.58 2.54
C SER B 252 -4.07 15.49 1.73
N ALA B 253 -3.79 15.43 0.43
CA ALA B 253 -4.42 14.43 -0.42
C ALA B 253 -3.98 13.02 -0.02
N VAL B 254 -2.72 12.86 0.34
CA VAL B 254 -2.25 11.53 0.71
C VAL B 254 -2.81 11.14 2.07
N PHE B 255 -2.68 12.00 3.07
CA PHE B 255 -3.27 11.71 4.35
C PHE B 255 -3.81 13.00 4.95
N PRO B 256 -5.08 13.00 5.42
CA PRO B 256 -6.00 11.87 5.48
C PRO B 256 -6.86 11.69 4.23
N GLY B 257 -6.40 12.19 3.11
CA GLY B 257 -7.21 12.15 1.91
C GLY B 257 -7.52 10.77 1.38
N ILE B 258 -6.52 9.92 1.12
CA ILE B 258 -6.79 8.67 0.45
C ILE B 258 -6.14 7.50 1.17
N GLN B 259 -5.26 7.79 2.13
CA GLN B 259 -4.61 6.72 2.87
C GLN B 259 -4.79 6.97 4.36
N GLY B 260 -4.62 5.89 5.13
CA GLY B 260 -4.45 6.00 6.56
C GLY B 260 -2.98 5.94 6.95
N GLY B 261 -2.62 5.01 7.82
CA GLY B 261 -1.24 4.91 8.24
C GLY B 261 -0.32 4.51 7.09
N PRO B 262 0.86 5.09 7.06
CA PRO B 262 1.84 4.71 6.04
C PRO B 262 2.55 3.42 6.41
N LEU B 263 3.16 2.79 5.40
CA LEU B 263 3.99 1.60 5.61
C LEU B 263 5.41 2.06 5.94
N GLU B 264 5.69 2.22 7.22
CA GLU B 264 6.95 2.83 7.62
C GLU B 264 8.14 1.91 7.36
N HIS B 265 7.93 0.59 7.36
CA HIS B 265 9.00 -0.33 7.01
C HIS B 265 9.31 -0.29 5.51
N VAL B 266 8.31 0.00 4.68
CA VAL B 266 8.60 0.22 3.28
C VAL B 266 9.31 1.54 3.09
N ILE B 267 8.92 2.55 3.87
CA ILE B 267 9.55 3.86 3.77
C ILE B 267 11.01 3.80 4.18
N ALA B 268 11.32 2.99 5.19
CA ALA B 268 12.71 2.67 5.50
C ALA B 268 13.42 2.09 4.29
N GLY B 269 12.77 1.16 3.58
CA GLY B 269 13.37 0.61 2.38
C GLY B 269 13.55 1.66 1.30
N LYS B 270 12.64 2.64 1.25
CA LYS B 270 12.83 3.77 0.34
C LYS B 270 14.07 4.57 0.70
N ALA B 271 14.27 4.84 2.00
CA ALA B 271 15.45 5.59 2.40
C ALA B 271 16.72 4.83 2.04
N VAL B 272 16.71 3.51 2.23
CA VAL B 272 17.86 2.68 1.88
C VAL B 272 18.13 2.79 0.39
N ALA B 273 17.09 2.68 -0.42
CA ALA B 273 17.27 2.70 -1.86
C ALA B 273 17.68 4.07 -2.38
N PHE B 274 17.18 5.15 -1.77
CA PHE B 274 17.56 6.47 -2.26
C PHE B 274 19.04 6.74 -2.02
N LYS B 275 19.57 6.28 -0.88
CA LYS B 275 21.00 6.43 -0.65
C LYS B 275 21.80 5.60 -1.65
N GLU B 276 21.35 4.38 -1.97
CA GLU B 276 22.04 3.61 -2.99
C GLU B 276 22.04 4.34 -4.34
N ALA B 277 20.98 5.10 -4.62
CA ALA B 277 20.90 5.79 -5.91
C ALA B 277 21.74 7.06 -5.92
N LEU B 278 22.09 7.58 -4.75
CA LEU B 278 22.98 8.73 -4.66
C LEU B 278 24.44 8.35 -4.84
N ASP B 279 24.76 7.07 -4.71
CA ASP B 279 26.11 6.61 -4.92
C ASP B 279 26.53 6.77 -6.38
N PRO B 280 27.78 7.19 -6.63
CA PRO B 280 28.24 7.32 -8.03
C PRO B 280 28.12 6.05 -8.85
N ALA B 281 28.20 4.88 -8.22
CA ALA B 281 28.07 3.63 -8.97
C ALA B 281 26.67 3.46 -9.57
N PHE B 282 25.63 4.02 -8.94
CA PHE B 282 24.29 3.87 -9.50
C PHE B 282 24.22 4.44 -10.92
N LYS B 283 25.01 5.47 -11.19
CA LYS B 283 25.11 6.05 -12.52
C LYS B 283 25.76 5.10 -13.51
N GLU B 284 26.72 4.29 -13.05
CA GLU B 284 27.32 3.31 -13.95
C GLU B 284 26.34 2.20 -14.22
N TYR B 285 25.62 1.79 -13.18
CA TYR B 285 24.51 0.86 -13.32
C TYR B 285 23.53 1.36 -14.39
N SER B 286 23.04 2.59 -14.22
CA SER B 286 21.98 3.08 -15.10
C SER B 286 22.47 3.23 -16.54
N GLU B 287 23.75 3.59 -16.71
CA GLU B 287 24.32 3.65 -18.05
C GLU B 287 24.40 2.27 -18.65
N GLN B 288 24.77 1.26 -17.85
CA GLN B 288 24.78 -0.11 -18.34
C GLN B 288 23.38 -0.55 -18.78
N ILE B 289 22.34 -0.13 -18.03
CA ILE B 289 20.96 -0.42 -18.42
C ILE B 289 20.71 0.01 -19.86
N ILE B 290 21.02 1.26 -20.18
CA ILE B 290 20.70 1.79 -21.50
C ILE B 290 21.52 1.09 -22.56
N ALA B 291 22.82 0.94 -22.32
CA ALA B 291 23.67 0.26 -23.29
C ALA B 291 23.19 -1.17 -23.55
N ASN B 292 22.74 -1.87 -22.51
CA ASN B 292 22.18 -3.21 -22.71
C ASN B 292 20.89 -3.17 -23.54
N ALA B 293 20.00 -2.22 -23.26
CA ALA B 293 18.78 -2.11 -24.05
C ALA B 293 19.09 -1.84 -25.52
N LYS B 294 20.00 -0.90 -25.80
CA LYS B 294 20.38 -0.60 -27.18
C LYS B 294 21.02 -1.80 -27.84
N ALA B 295 21.86 -2.54 -27.11
CA ALA B 295 22.43 -3.75 -27.70
C ALA B 295 21.34 -4.76 -28.08
N MET B 296 20.32 -4.92 -27.21
CA MET B 296 19.23 -5.84 -27.53
C MET B 296 18.42 -5.34 -28.71
N VAL B 297 18.18 -4.03 -28.78
CA VAL B 297 17.41 -3.46 -29.88
C VAL B 297 18.13 -3.72 -31.20
N LYS B 298 19.46 -3.61 -31.20
CA LYS B 298 20.20 -3.86 -32.44
C LYS B 298 19.93 -5.27 -32.95
N VAL B 299 19.96 -6.26 -32.06
CA VAL B 299 19.69 -7.64 -32.45
C VAL B 299 18.27 -7.78 -33.00
N PHE B 300 17.27 -7.28 -32.24
CA PHE B 300 15.89 -7.43 -32.69
C PHE B 300 15.64 -6.70 -34.00
N ASN B 301 16.33 -5.58 -34.22
CA ASN B 301 16.19 -4.85 -35.49
C ASN B 301 16.66 -5.69 -36.67
N GLN B 302 17.63 -6.59 -36.46
CA GLN B 302 18.16 -7.38 -37.56
C GLN B 302 17.38 -8.67 -37.81
N ALA B 303 16.62 -9.15 -36.84
CA ALA B 303 15.77 -10.33 -37.04
C ALA B 303 14.42 -9.90 -37.57
N ILE B 304 13.99 -10.49 -38.68
CA ILE B 304 12.61 -10.30 -39.11
C ILE B 304 11.75 -11.14 -38.20
N GLY B 305 10.56 -10.65 -37.94
CA GLY B 305 9.70 -11.24 -36.94
C GLY B 305 9.62 -10.43 -35.66
N THR B 306 10.70 -9.75 -35.29
CA THR B 306 10.79 -9.01 -34.05
C THR B 306 10.95 -7.54 -34.39
N ARG B 307 9.87 -6.90 -34.81
CA ARG B 307 9.91 -5.49 -35.14
C ARG B 307 9.89 -4.66 -33.86
N VAL B 308 10.94 -3.89 -33.63
CA VAL B 308 10.97 -2.98 -32.50
C VAL B 308 10.14 -1.75 -32.80
N ILE B 309 9.21 -1.43 -31.89
CA ILE B 309 8.35 -0.27 -32.07
C ILE B 309 9.20 0.98 -32.04
N SER B 310 9.09 1.80 -33.10
CA SER B 310 9.86 3.01 -33.35
C SER B 310 11.31 2.72 -33.73
N GLY B 311 11.74 1.46 -33.72
CA GLY B 311 13.04 1.05 -34.23
C GLY B 311 14.25 1.40 -33.38
N ALA B 312 14.06 1.93 -32.18
CA ALA B 312 15.18 2.34 -31.34
C ALA B 312 14.70 2.52 -29.91
N THR B 313 15.65 2.45 -28.98
CA THR B 313 15.37 2.83 -27.59
C THR B 313 16.36 3.88 -27.12
N ASP B 314 15.88 4.76 -26.24
CA ASP B 314 16.72 5.68 -25.51
C ASP B 314 16.80 5.32 -24.04
N ASN B 315 16.02 4.35 -23.59
CA ASN B 315 15.97 4.07 -22.17
C ASN B 315 16.16 2.57 -21.95
N HIS B 316 15.49 2.02 -20.96
CA HIS B 316 15.71 0.68 -20.47
C HIS B 316 14.87 -0.37 -21.17
N LEU B 317 13.93 0.03 -22.02
CA LEU B 317 12.90 -0.89 -22.44
C LEU B 317 12.66 -0.77 -23.94
N MET B 318 12.03 -1.82 -24.46
CA MET B 318 11.68 -1.92 -25.86
C MET B 318 10.37 -2.67 -25.96
N LEU B 319 9.61 -2.33 -26.99
CA LEU B 319 8.30 -2.89 -27.25
C LEU B 319 8.41 -3.59 -28.61
N ILE B 320 7.95 -4.83 -28.70
CA ILE B 320 8.23 -5.66 -29.87
C ILE B 320 6.95 -6.17 -30.49
N ASP B 321 6.67 -5.74 -31.72
CA ASP B 321 5.56 -6.26 -32.51
C ASP B 321 5.99 -7.63 -33.00
N VAL B 322 5.25 -8.67 -32.62
CA VAL B 322 5.60 -10.04 -32.99
C VAL B 322 4.71 -10.61 -34.08
N ARG B 323 3.80 -9.81 -34.63
CA ARG B 323 2.75 -10.36 -35.48
C ARG B 323 3.29 -11.00 -36.75
N GLU B 324 4.43 -10.53 -37.27
CA GLU B 324 4.91 -11.13 -38.52
C GLU B 324 5.37 -12.57 -38.29
N LEU B 325 5.60 -12.97 -37.04
CA LEU B 325 5.89 -14.36 -36.69
C LEU B 325 4.65 -15.23 -36.65
N GLY B 326 3.46 -14.67 -36.90
CA GLY B 326 2.26 -15.46 -36.90
C GLY B 326 1.70 -15.77 -35.54
N ILE B 327 2.04 -14.95 -34.53
CA ILE B 327 1.62 -15.14 -33.16
C ILE B 327 1.20 -13.78 -32.62
N ASN B 328 0.49 -13.78 -31.50
CA ASN B 328 0.16 -12.56 -30.81
C ASN B 328 1.03 -12.42 -29.55
N GLY B 329 0.80 -11.35 -28.80
CA GLY B 329 1.59 -11.10 -27.62
C GLY B 329 1.44 -12.16 -26.54
N LYS B 330 0.24 -12.71 -26.40
CA LYS B 330 -0.01 -13.74 -25.39
C LYS B 330 0.77 -15.01 -25.69
N GLU B 331 0.81 -15.42 -26.95
CA GLU B 331 1.55 -16.63 -27.32
C GLU B 331 3.05 -16.44 -27.15
N ALA B 332 3.57 -15.28 -27.58
CA ALA B 332 4.98 -14.98 -27.37
C ALA B 332 5.34 -15.07 -25.89
N GLU B 333 4.59 -14.35 -25.05
CA GLU B 333 4.81 -14.42 -23.61
C GLU B 333 4.88 -15.85 -23.09
N SER B 334 3.99 -16.72 -23.55
CA SER B 334 3.99 -18.07 -22.99
C SER B 334 5.05 -18.95 -23.65
N ILE B 335 5.32 -18.77 -24.94
CA ILE B 335 6.51 -19.39 -25.55
C ILE B 335 7.75 -19.07 -24.72
N LEU B 336 8.02 -17.76 -24.52
CA LEU B 336 9.18 -17.38 -23.74
C LEU B 336 9.12 -17.94 -22.34
N ASP B 337 7.93 -18.00 -21.74
CA ASP B 337 7.81 -18.52 -20.38
C ASP B 337 8.25 -19.99 -20.32
N SER B 338 7.92 -20.78 -21.35
CA SER B 338 8.28 -22.18 -21.38
C SER B 338 9.80 -22.42 -21.45
N VAL B 339 10.59 -21.42 -21.87
CA VAL B 339 12.06 -21.55 -21.90
C VAL B 339 12.72 -20.68 -20.85
N ASN B 340 11.98 -20.34 -19.78
CA ASN B 340 12.50 -19.66 -18.60
C ASN B 340 12.86 -18.20 -18.86
N ILE B 341 12.15 -17.56 -19.78
CA ILE B 341 12.35 -16.15 -20.08
C ILE B 341 11.01 -15.45 -19.87
N THR B 342 10.97 -14.53 -18.93
CA THR B 342 9.71 -13.95 -18.49
C THR B 342 9.62 -12.50 -18.97
N VAL B 343 8.60 -12.21 -19.78
CA VAL B 343 8.29 -10.88 -20.28
C VAL B 343 6.83 -10.61 -19.94
N ASN B 344 6.27 -9.51 -20.42
CA ASN B 344 4.81 -9.38 -20.42
C ASN B 344 4.32 -9.04 -21.81
N LYS B 345 3.19 -9.65 -22.19
CA LYS B 345 2.48 -9.23 -23.38
C LYS B 345 2.06 -7.78 -23.20
N ASN B 346 1.89 -7.06 -24.29
CA ASN B 346 1.75 -5.61 -24.18
C ASN B 346 1.16 -5.07 -25.47
N SER B 347 0.22 -4.14 -25.34
CA SER B 347 -0.35 -3.52 -26.53
C SER B 347 0.69 -2.65 -27.22
N ILE B 348 0.64 -2.64 -28.55
CA ILE B 348 1.53 -1.78 -29.34
C ILE B 348 0.69 -0.64 -29.90
N PRO B 349 1.30 0.45 -30.36
CA PRO B 349 0.51 1.57 -30.89
C PRO B 349 -0.50 1.12 -31.94
N PHE B 350 -1.70 1.66 -31.85
CA PHE B 350 -2.80 1.33 -32.78
C PHE B 350 -3.10 -0.16 -32.77
N GLU B 351 -3.15 -0.73 -31.56
CA GLU B 351 -3.35 -2.16 -31.37
C GLU B 351 -4.68 -2.60 -31.98
N THR B 352 -4.61 -3.70 -32.74
CA THR B 352 -5.77 -4.28 -33.39
C THR B 352 -6.41 -5.44 -32.60
N LEU B 353 -5.64 -6.11 -31.76
CA LEU B 353 -6.14 -7.28 -31.08
C LEU B 353 -6.80 -6.88 -29.76
N SER B 354 -7.39 -7.87 -29.09
CA SER B 354 -7.88 -7.66 -27.74
C SER B 354 -6.76 -7.15 -26.84
N PRO B 355 -7.07 -6.34 -25.84
CA PRO B 355 -6.04 -5.94 -24.86
C PRO B 355 -5.53 -7.11 -24.01
N PHE B 356 -6.18 -8.27 -24.04
CA PHE B 356 -5.69 -9.44 -23.34
C PHE B 356 -5.06 -10.47 -24.27
N LYS B 357 -5.01 -10.18 -25.58
CA LYS B 357 -4.14 -10.87 -26.53
C LYS B 357 -2.91 -10.04 -26.88
N THR B 358 -3.12 -8.80 -27.35
CA THR B 358 -2.08 -7.84 -27.77
C THR B 358 -1.24 -8.33 -28.94
N SER B 359 -0.57 -7.38 -29.61
CA SER B 359 0.30 -7.67 -30.73
C SER B 359 1.77 -7.74 -30.33
N GLY B 360 2.09 -7.52 -29.06
CA GLY B 360 3.49 -7.37 -28.74
C GLY B 360 3.91 -7.87 -27.38
N ILE B 361 5.21 -7.76 -27.13
CA ILE B 361 5.77 -8.01 -25.80
C ILE B 361 6.62 -6.80 -25.43
N ARG B 362 6.76 -6.59 -24.13
CA ARG B 362 7.60 -5.53 -23.58
C ARG B 362 8.79 -6.20 -22.89
N ILE B 363 9.99 -5.67 -23.15
CA ILE B 363 11.23 -6.21 -22.62
C ILE B 363 12.02 -5.05 -22.02
N GLY B 364 12.62 -5.28 -20.85
CA GLY B 364 13.48 -4.30 -20.23
C GLY B 364 14.72 -4.93 -19.64
N THR B 365 15.75 -4.13 -19.51
CA THR B 365 17.04 -4.60 -19.04
C THR B 365 17.36 -4.28 -17.58
N PRO B 366 16.57 -3.49 -16.83
CA PRO B 366 17.00 -3.18 -15.45
C PRO B 366 17.35 -4.39 -14.61
N ALA B 367 16.60 -5.49 -14.75
CA ALA B 367 16.79 -6.64 -13.86
C ALA B 367 18.05 -7.42 -14.20
N ILE B 368 18.21 -7.81 -15.47
CA ILE B 368 19.42 -8.54 -15.86
C ILE B 368 20.66 -7.69 -15.64
N THR B 369 20.58 -6.39 -15.91
CA THR B 369 21.70 -5.52 -15.64
C THR B 369 22.06 -5.53 -14.16
N THR B 370 21.05 -5.65 -13.29
CA THR B 370 21.33 -5.66 -11.87
C THR B 370 22.09 -6.92 -11.46
N ARG B 371 21.90 -8.03 -12.18
CA ARG B 371 22.66 -9.20 -11.77
C ARG B 371 23.98 -9.32 -12.49
N GLY B 372 24.37 -8.30 -13.27
CA GLY B 372 25.70 -8.19 -13.83
C GLY B 372 25.78 -8.25 -15.35
N PHE B 373 24.69 -8.53 -16.07
CA PHE B 373 24.76 -8.67 -17.52
C PHE B 373 25.44 -7.44 -18.15
N LYS B 374 26.31 -7.69 -19.13
CA LYS B 374 26.95 -6.67 -19.95
C LYS B 374 26.36 -6.71 -21.35
N GLU B 375 26.87 -5.85 -22.23
CA GLU B 375 26.35 -5.80 -23.59
C GLU B 375 26.47 -7.14 -24.31
N GLU B 376 27.61 -7.81 -24.16
CA GLU B 376 27.78 -9.15 -24.70
C GLU B 376 26.65 -10.09 -24.27
N ASP B 377 26.29 -10.03 -22.98
CA ASP B 377 25.25 -10.89 -22.44
C ASP B 377 23.87 -10.43 -22.88
N ALA B 378 23.66 -9.11 -22.91
CA ALA B 378 22.43 -8.58 -23.44
C ALA B 378 22.20 -9.04 -24.87
N VAL B 379 23.28 -9.15 -25.66
CA VAL B 379 23.16 -9.63 -27.03
C VAL B 379 22.71 -11.10 -27.05
N LYS B 380 23.33 -11.93 -26.21
CA LYS B 380 22.93 -13.33 -26.15
C LYS B 380 21.46 -13.47 -25.76
N VAL B 381 20.99 -12.65 -24.80
CA VAL B 381 19.57 -12.70 -24.40
C VAL B 381 18.68 -12.44 -25.60
N ALA B 382 18.91 -11.33 -26.31
CA ALA B 382 18.03 -11.02 -27.43
C ALA B 382 18.07 -12.11 -28.48
N GLU B 383 19.24 -12.72 -28.69
CA GLU B 383 19.36 -13.81 -29.64
C GLU B 383 18.55 -15.01 -29.18
N LEU B 384 18.65 -15.35 -27.89
CA LEU B 384 17.81 -16.43 -27.33
C LEU B 384 16.32 -16.14 -27.51
N VAL B 385 15.91 -14.88 -27.30
CA VAL B 385 14.49 -14.53 -27.48
C VAL B 385 14.10 -14.69 -28.95
N VAL B 386 14.96 -14.24 -29.85
CA VAL B 386 14.66 -14.40 -31.27
C VAL B 386 14.55 -15.89 -31.63
N LYS B 387 15.46 -16.70 -31.10
CA LYS B 387 15.46 -18.12 -31.40
C LYS B 387 14.16 -18.77 -30.91
N ALA B 388 13.78 -18.50 -29.65
CA ALA B 388 12.58 -19.10 -29.09
C ALA B 388 11.33 -18.75 -29.89
N LEU B 389 11.22 -17.49 -30.32
CA LEU B 389 10.00 -17.04 -30.98
C LEU B 389 9.90 -17.58 -32.41
N GLN B 390 11.04 -17.85 -33.05
CA GLN B 390 11.05 -18.37 -34.40
C GLN B 390 11.04 -19.90 -34.46
N ALA B 391 11.13 -20.57 -33.29
CA ALA B 391 11.41 -21.99 -33.27
C ALA B 391 10.22 -22.85 -33.69
N LYS B 392 9.01 -22.30 -33.74
CA LYS B 392 7.80 -23.05 -34.11
C LYS B 392 7.71 -24.37 -33.34
N ASP B 393 7.83 -24.27 -32.02
CA ASP B 393 7.76 -25.39 -31.06
C ASP B 393 8.77 -26.50 -31.34
N ASP B 394 9.76 -26.25 -32.21
CA ASP B 394 10.84 -27.20 -32.39
C ASP B 394 11.56 -27.39 -31.05
N ASN B 395 11.37 -28.54 -30.40
CA ASN B 395 11.83 -28.70 -29.03
C ASN B 395 13.34 -28.64 -28.93
N ALA B 396 14.04 -29.14 -29.96
CA ALA B 396 15.50 -29.02 -29.95
C ALA B 396 15.93 -27.57 -29.84
N GLN B 397 15.28 -26.68 -30.60
CA GLN B 397 15.65 -25.27 -30.55
C GLN B 397 15.29 -24.66 -29.20
N LEU B 398 14.08 -24.93 -28.71
CA LEU B 398 13.65 -24.40 -27.41
C LEU B 398 14.54 -24.93 -26.28
N ASP B 399 14.99 -26.17 -26.37
CA ASP B 399 15.89 -26.67 -25.33
C ASP B 399 17.26 -26.01 -25.42
N GLU B 400 17.68 -25.63 -26.64
CA GLU B 400 18.91 -24.86 -26.75
C GLU B 400 18.77 -23.52 -26.04
N VAL B 401 17.62 -22.86 -26.21
CA VAL B 401 17.39 -21.59 -25.54
C VAL B 401 17.46 -21.77 -24.02
N LYS B 402 16.81 -22.82 -23.50
CA LYS B 402 16.92 -23.11 -22.07
C LYS B 402 18.36 -23.23 -21.61
N THR B 403 19.19 -23.90 -22.41
CA THR B 403 20.61 -23.99 -22.08
C THR B 403 21.27 -22.61 -22.10
N GLY B 404 20.98 -21.80 -23.13
CA GLY B 404 21.49 -20.44 -23.14
C GLY B 404 21.04 -19.65 -21.93
N VAL B 405 19.78 -19.84 -21.51
CA VAL B 405 19.28 -19.18 -20.31
C VAL B 405 20.07 -19.67 -19.10
N ARG B 406 20.23 -20.98 -18.98
CA ARG B 406 20.96 -21.55 -17.86
C ARG B 406 22.40 -21.05 -17.82
N GLU B 407 23.04 -20.94 -18.99
CA GLU B 407 24.40 -20.41 -19.04
C GLU B 407 24.44 -19.00 -18.47
N LEU B 408 23.51 -18.15 -18.88
CA LEU B 408 23.52 -16.77 -18.41
C LEU B 408 23.24 -16.68 -16.91
N THR B 409 22.28 -17.47 -16.40
CA THR B 409 21.92 -17.31 -14.99
C THR B 409 23.01 -17.88 -14.09
N GLU B 410 23.64 -18.97 -14.50
CA GLU B 410 24.79 -19.47 -13.76
C GLU B 410 25.97 -18.52 -13.87
N LYS B 411 26.17 -17.90 -15.03
CA LYS B 411 27.25 -16.93 -15.15
C LYS B 411 27.03 -15.71 -14.25
N PHE B 412 25.76 -15.34 -14.01
CA PHE B 412 25.43 -14.16 -13.20
C PHE B 412 24.46 -14.54 -12.09
N PRO B 413 24.91 -15.32 -11.11
CA PRO B 413 24.03 -15.70 -10.01
C PRO B 413 23.57 -14.49 -9.20
N LEU B 414 22.50 -14.71 -8.42
CA LEU B 414 21.96 -13.67 -7.57
C LEU B 414 22.67 -13.64 -6.21
N HIS B 415 22.54 -12.50 -5.54
CA HIS B 415 22.82 -12.39 -4.11
C HIS B 415 21.69 -13.04 -3.29
#